data_2BFO
#
_entry.id   2BFO
#
_cell.length_a   94.308
_cell.length_b   103.493
_cell.length_c   137.977
_cell.angle_alpha   90.00
_cell.angle_beta   90.00
_cell.angle_gamma   90.00
#
_symmetry.space_group_name_H-M   'P 21 21 21'
#
loop_
_entity.id
_entity.type
_entity.pdbx_description
1 polymer 'PTERIDINE REDUCTASE 1'
2 non-polymer 'NADPH DIHYDRO-NICOTINAMIDE-ADENINE-DINUCLEOTIDE PHOSPHATE'
3 non-polymer 1,2-ETHANEDIOL
4 water water
#
_entity_poly.entity_id   1
_entity_poly.type   'polypeptide(L)'
_entity_poly.pdbx_seq_one_letter_code
;MTAPTVPVALVTGAAKRLGRSIAEGLHAEGYAVCLHYHRSAAEANALSATLNARRPNSAITVQADLSNVATAPVSGADGS
APVTLFTRCAELVAACYTHWGRCDVLVNNASSFYPTPLLRNDEDGHEPCVGDREAMETATADLFGSNAIAPYFLIKAFAH
RVAGTPAKHRGTNYSIINMVDAMTNQPLLGYTIYTMAKGALEGLTRSAALELAPLQIRVNGVGPGLSVLVDDMPPAVWEG
HRSKVPLYQRDSSAAEVSDVVIFLCSSKAKYITGTCVKVDGGYSLTRA
;
_entity_poly.pdbx_strand_id   A,B,C,D
#
# COMPACT_ATOMS: atom_id res chain seq x y z
N VAL A 6 -24.78 19.15 23.30
CA VAL A 6 -24.55 17.67 23.24
C VAL A 6 -24.28 17.20 21.80
N PRO A 7 -23.08 16.68 21.50
CA PRO A 7 -22.80 16.27 20.11
C PRO A 7 -23.66 15.07 19.66
N VAL A 8 -24.01 15.08 18.38
CA VAL A 8 -24.80 14.03 17.78
C VAL A 8 -23.94 13.06 16.89
N ALA A 9 -24.28 11.78 16.92
CA ALA A 9 -23.61 10.84 16.08
C ALA A 9 -24.65 10.01 15.36
N LEU A 10 -24.51 9.91 14.06
CA LEU A 10 -25.33 8.95 13.28
C LEU A 10 -24.54 7.67 13.01
N VAL A 11 -25.09 6.54 13.41
CA VAL A 11 -24.42 5.25 13.16
C VAL A 11 -25.29 4.30 12.31
N THR A 12 -24.89 4.04 11.08
CA THR A 12 -25.66 3.10 10.27
C THR A 12 -25.43 1.66 10.70
N GLY A 13 -26.45 0.80 10.54
CA GLY A 13 -26.36 -0.57 11.01
C GLY A 13 -26.01 -0.65 12.48
N ALA A 14 -26.66 0.19 13.29
CA ALA A 14 -26.36 0.29 14.71
C ALA A 14 -26.99 -0.78 15.60
N ALA A 15 -27.95 -1.54 15.07
CA ALA A 15 -28.73 -2.49 15.84
C ALA A 15 -27.94 -3.55 16.63
N LYS A 16 -26.88 -4.09 16.05
CA LYS A 16 -26.12 -5.11 16.77
C LYS A 16 -24.63 -5.16 16.50
N ARG A 17 -23.98 -6.12 17.15
CA ARG A 17 -22.57 -6.41 16.86
C ARG A 17 -21.68 -5.14 16.95
N LEU A 18 -20.81 -4.90 15.95
CA LEU A 18 -19.92 -3.74 15.93
C LEU A 18 -20.65 -2.41 15.91
N GLY A 19 -21.73 -2.31 15.14
CA GLY A 19 -22.51 -1.09 15.11
C GLY A 19 -23.10 -0.70 16.46
N ARG A 20 -23.64 -1.67 17.21
CA ARG A 20 -24.14 -1.43 18.54
C ARG A 20 -23.05 -0.96 19.49
N SER A 21 -21.90 -1.64 19.43
CA SER A 21 -20.78 -1.35 20.31
C SER A 21 -20.29 0.05 20.04
N ILE A 22 -20.35 0.46 18.77
CA ILE A 22 -19.92 1.80 18.40
C ILE A 22 -20.88 2.84 18.99
N ALA A 23 -22.18 2.57 18.88
CA ALA A 23 -23.19 3.48 19.39
C ALA A 23 -23.07 3.60 20.92
N GLU A 24 -22.86 2.46 21.58
CA GLU A 24 -22.70 2.44 23.02
C GLU A 24 -21.50 3.24 23.45
N GLY A 25 -20.37 3.04 22.75
CA GLY A 25 -19.15 3.78 23.01
C GLY A 25 -19.31 5.28 22.86
N LEU A 26 -19.88 5.70 21.74
CA LEU A 26 -20.13 7.12 21.52
C LEU A 26 -21.09 7.66 22.60
N HIS A 27 -22.09 6.84 22.93
CA HIS A 27 -23.07 7.23 23.93
C HIS A 27 -22.40 7.42 25.30
N ALA A 28 -21.44 6.54 25.61
CA ALA A 28 -20.72 6.61 26.89
C ALA A 28 -19.80 7.83 26.98
N GLU A 29 -19.49 8.45 25.84
CA GLU A 29 -18.69 9.68 25.78
C GLU A 29 -19.59 10.91 25.79
N GLY A 30 -20.90 10.72 25.82
CA GLY A 30 -21.84 11.82 25.89
C GLY A 30 -22.58 12.15 24.62
N TYR A 31 -22.34 11.40 23.55
CA TYR A 31 -23.01 11.65 22.27
C TYR A 31 -24.48 11.27 22.34
N ALA A 32 -25.33 12.08 21.70
CA ALA A 32 -26.69 11.65 21.42
C ALA A 32 -26.54 10.81 20.15
N VAL A 33 -27.20 9.65 20.10
CA VAL A 33 -27.01 8.73 18.98
C VAL A 33 -28.22 8.36 18.16
N CYS A 34 -28.15 8.68 16.87
CA CYS A 34 -29.12 8.23 15.88
C CYS A 34 -28.74 6.82 15.34
N LEU A 35 -29.50 5.84 15.80
CA LEU A 35 -29.26 4.46 15.46
C LEU A 35 -30.02 4.12 14.19
N HIS A 36 -29.33 3.90 13.07
CA HIS A 36 -30.00 3.45 11.83
C HIS A 36 -30.07 1.93 11.81
N TYR A 37 -31.11 1.42 11.17
CA TYR A 37 -31.27 -0.02 11.00
C TYR A 37 -32.04 -0.31 9.72
N HIS A 38 -31.86 -1.52 9.20
CA HIS A 38 -32.59 -1.93 8.02
C HIS A 38 -33.66 -2.92 8.45
N ARG A 39 -33.25 -4.12 8.91
CA ARG A 39 -34.18 -5.18 9.28
C ARG A 39 -34.27 -5.48 10.79
N SER A 40 -33.30 -5.01 11.57
CA SER A 40 -33.28 -5.30 12.98
C SER A 40 -34.02 -4.26 13.81
N ALA A 41 -35.31 -4.07 13.52
CA ALA A 41 -36.12 -3.12 14.27
C ALA A 41 -36.16 -3.39 15.78
N ALA A 42 -36.39 -4.64 16.14
CA ALA A 42 -36.54 -4.98 17.55
C ALA A 42 -35.24 -4.71 18.31
N GLU A 43 -34.12 -5.10 17.70
CA GLU A 43 -32.80 -4.89 18.29
C GLU A 43 -32.47 -3.41 18.40
N ALA A 44 -32.81 -2.66 17.38
CA ALA A 44 -32.59 -1.23 17.36
C ALA A 44 -33.38 -0.52 18.47
N ASN A 45 -34.70 -0.79 18.55
CA ASN A 45 -35.56 -0.16 19.55
C ASN A 45 -35.19 -0.54 20.99
N ALA A 46 -34.75 -1.78 21.16
CA ALA A 46 -34.29 -2.24 22.47
C ALA A 46 -33.05 -1.44 22.91
N LEU A 47 -32.15 -1.20 21.96
CA LEU A 47 -30.96 -0.42 22.23
C LEU A 47 -31.29 1.07 22.54
N SER A 48 -32.14 1.69 21.72
CA SER A 48 -32.60 3.05 21.97
C SER A 48 -33.13 3.18 23.38
N ALA A 49 -34.00 2.23 23.74
CA ALA A 49 -34.62 2.20 25.06
C ALA A 49 -33.55 2.20 26.15
N THR A 50 -32.58 1.31 26.03
CA THR A 50 -31.48 1.26 26.99
C THR A 50 -30.76 2.59 27.08
N LEU A 51 -30.42 3.18 25.94
CA LEU A 51 -29.69 4.47 25.92
C LEU A 51 -30.52 5.65 26.45
N ASN A 52 -31.77 5.75 26.00
CA ASN A 52 -32.70 6.74 26.52
C ASN A 52 -33.00 6.56 28.02
N ALA A 53 -32.94 5.33 28.49
CA ALA A 53 -33.13 5.07 29.90
C ALA A 53 -31.96 5.59 30.73
N ARG A 54 -30.74 5.37 30.25
CA ARG A 54 -29.54 5.91 30.92
C ARG A 54 -29.48 7.44 30.91
N ARG A 55 -29.97 8.05 29.83
CA ARG A 55 -29.90 9.49 29.61
C ARG A 55 -31.04 9.88 28.68
N PRO A 56 -32.07 10.55 29.21
CA PRO A 56 -33.25 10.93 28.43
C PRO A 56 -32.88 11.65 27.14
N ASN A 57 -33.61 11.29 26.08
CA ASN A 57 -33.46 11.88 24.75
C ASN A 57 -32.03 11.83 24.24
N SER A 58 -31.36 10.70 24.44
CA SER A 58 -30.02 10.55 23.92
C SER A 58 -29.96 9.55 22.74
N ALA A 59 -31.11 9.11 22.24
CA ALA A 59 -31.16 8.09 21.19
C ALA A 59 -32.47 8.10 20.42
N ILE A 60 -32.36 7.82 19.13
CA ILE A 60 -33.50 7.67 18.24
C ILE A 60 -33.17 6.55 17.24
N THR A 61 -34.17 6.08 16.51
CA THR A 61 -33.95 5.08 15.47
C THR A 61 -34.64 5.46 14.19
N VAL A 62 -33.94 5.23 13.07
CA VAL A 62 -34.43 5.44 11.70
C VAL A 62 -34.14 4.21 10.84
N GLN A 63 -35.14 3.82 10.06
CA GLN A 63 -35.08 2.63 9.22
C GLN A 63 -34.71 3.05 7.79
N ALA A 64 -33.87 2.26 7.13
CA ALA A 64 -33.52 2.54 5.75
C ALA A 64 -32.75 1.44 5.06
N ASP A 65 -33.21 1.07 3.87
CA ASP A 65 -32.47 0.17 3.01
C ASP A 65 -31.45 1.03 2.32
N LEU A 66 -30.18 0.71 2.49
CA LEU A 66 -29.12 1.47 1.86
C LEU A 66 -28.65 0.83 0.56
N SER A 67 -29.32 -0.22 0.14
CA SER A 67 -29.00 -0.81 -1.14
C SER A 67 -29.22 0.24 -2.21
N ASN A 68 -28.42 0.20 -3.26
CA ASN A 68 -28.53 1.20 -4.33
C ASN A 68 -29.75 0.96 -5.24
N VAL A 69 -30.96 1.03 -4.65
CA VAL A 69 -32.22 0.79 -5.37
C VAL A 69 -33.22 1.85 -4.95
N ALA A 70 -34.13 2.22 -5.84
CA ALA A 70 -35.26 3.09 -5.51
C ALA A 70 -36.28 2.38 -4.58
N THR A 71 -36.86 3.11 -3.64
CA THR A 71 -37.88 2.50 -2.78
C THR A 71 -39.27 3.02 -3.05
N ALA A 72 -40.26 2.27 -2.56
CA ALA A 72 -41.68 2.67 -2.58
C ALA A 72 -41.84 4.08 -1.98
N PRO A 73 -42.55 4.97 -2.70
CA PRO A 73 -42.85 6.29 -2.16
C PRO A 73 -43.31 6.16 -0.71
N VAL A 74 -42.60 6.86 0.17
CA VAL A 74 -42.82 6.94 1.64
C VAL A 74 -44.22 6.53 2.13
N ALA A 81 -44.00 8.78 -6.88
CA ALA A 81 -42.64 8.88 -7.38
C ALA A 81 -41.68 8.08 -6.48
N PRO A 82 -40.89 7.13 -7.06
CA PRO A 82 -39.98 6.27 -6.29
C PRO A 82 -38.90 7.05 -5.51
N VAL A 83 -38.51 6.57 -4.33
CA VAL A 83 -37.48 7.25 -3.55
C VAL A 83 -36.10 6.69 -3.93
N THR A 84 -35.20 7.59 -4.29
CA THR A 84 -33.83 7.22 -4.60
C THR A 84 -32.98 7.02 -3.36
N LEU A 85 -31.87 6.29 -3.52
CA LEU A 85 -30.96 6.00 -2.42
C LEU A 85 -30.42 7.29 -1.80
N PHE A 86 -30.13 8.28 -2.66
CA PHE A 86 -29.60 9.56 -2.23
C PHE A 86 -30.57 10.27 -1.31
N THR A 87 -31.85 10.27 -1.70
CA THR A 87 -32.91 10.87 -0.91
C THR A 87 -33.01 10.19 0.46
N ARG A 88 -33.03 8.86 0.47
CA ARG A 88 -33.10 8.13 1.74
C ARG A 88 -31.92 8.49 2.64
N CYS A 89 -30.76 8.74 2.02
CA CYS A 89 -29.54 9.08 2.74
C CYS A 89 -29.62 10.48 3.30
N ALA A 90 -30.09 11.42 2.48
CA ALA A 90 -30.29 12.79 2.97
C ALA A 90 -31.24 12.81 4.15
N GLU A 91 -32.28 11.98 4.09
CA GLU A 91 -33.29 11.90 5.16
C GLU A 91 -32.70 11.39 6.47
N LEU A 92 -31.74 10.49 6.41
CA LEU A 92 -31.13 10.00 7.62
C LEU A 92 -30.39 11.14 8.30
N VAL A 93 -29.61 11.90 7.53
CA VAL A 93 -28.83 13.01 8.06
C VAL A 93 -29.78 14.07 8.56
N ALA A 94 -30.83 14.34 7.80
CA ALA A 94 -31.86 15.31 8.18
C ALA A 94 -32.55 14.94 9.50
N ALA A 95 -32.77 13.65 9.73
CA ALA A 95 -33.42 13.22 10.93
C ALA A 95 -32.60 13.62 12.16
N CYS A 96 -31.29 13.79 11.98
CA CYS A 96 -30.43 14.19 13.07
C CYS A 96 -30.64 15.66 13.35
N TYR A 97 -30.66 16.48 12.30
CA TYR A 97 -30.80 17.93 12.44
C TYR A 97 -32.23 18.32 12.87
N THR A 98 -33.23 17.53 12.45
CA THR A 98 -34.62 17.73 12.83
C THR A 98 -34.86 17.49 14.33
N HIS A 99 -34.27 16.41 14.85
CA HIS A 99 -34.49 16.06 16.24
C HIS A 99 -33.58 16.78 17.22
N TRP A 100 -32.30 16.89 16.88
CA TRP A 100 -31.34 17.50 17.79
C TRP A 100 -30.70 18.79 17.23
N GLY A 101 -31.02 19.16 15.99
CA GLY A 101 -30.43 20.34 15.40
C GLY A 101 -28.95 20.21 15.05
N ARG A 102 -28.44 18.98 14.89
CA ARG A 102 -27.02 18.81 14.56
C ARG A 102 -26.62 17.37 14.24
N CYS A 103 -25.48 17.23 13.58
CA CYS A 103 -24.88 15.94 13.30
C CYS A 103 -23.34 16.10 13.27
N ASP A 104 -22.64 15.73 14.32
CA ASP A 104 -21.22 15.96 14.43
C ASP A 104 -20.40 14.80 13.92
N VAL A 105 -20.92 13.58 14.10
CA VAL A 105 -20.21 12.37 13.72
C VAL A 105 -21.08 11.48 12.86
N LEU A 106 -20.46 10.91 11.83
CA LEU A 106 -21.07 9.91 10.97
C LEU A 106 -20.21 8.65 10.97
N VAL A 107 -20.85 7.49 11.15
CA VAL A 107 -20.16 6.22 11.08
C VAL A 107 -20.83 5.30 10.06
N ASN A 108 -20.17 5.12 8.94
CA ASN A 108 -20.65 4.24 7.89
C ASN A 108 -20.24 2.82 8.24
N ASN A 109 -21.12 2.15 9.02
CA ASN A 109 -20.90 0.81 9.54
C ASN A 109 -21.70 -0.27 8.83
N ALA A 110 -22.90 0.07 8.38
CA ALA A 110 -23.81 -0.89 7.71
C ALA A 110 -23.10 -1.55 6.56
N SER A 111 -23.30 -2.86 6.40
CA SER A 111 -22.59 -3.59 5.37
C SER A 111 -23.18 -4.97 5.09
N SER A 112 -23.50 -5.20 3.83
CA SER A 112 -23.94 -6.52 3.42
C SER A 112 -22.72 -7.36 3.04
N PHE A 113 -22.75 -8.66 3.37
CA PHE A 113 -21.62 -9.55 3.12
C PHE A 113 -22.05 -10.97 2.71
N TYR A 114 -21.82 -11.36 1.46
CA TYR A 114 -22.15 -12.71 0.98
C TYR A 114 -21.45 -12.93 -0.36
N PRO A 115 -21.28 -14.20 -0.74
CA PRO A 115 -20.57 -14.59 -1.96
C PRO A 115 -21.11 -14.11 -3.30
N THR A 116 -20.19 -13.71 -4.17
CA THR A 116 -20.49 -13.44 -5.58
C THR A 116 -19.40 -14.11 -6.40
N PRO A 117 -19.48 -15.43 -6.48
CA PRO A 117 -18.45 -16.22 -7.13
C PRO A 117 -18.32 -15.79 -8.61
N LEU A 118 -17.10 -15.93 -9.14
CA LEU A 118 -16.81 -15.69 -10.54
C LEU A 118 -17.05 -16.95 -11.31
N LEU A 119 -16.96 -18.09 -10.62
CA LEU A 119 -17.21 -19.42 -11.20
C LEU A 119 -18.26 -20.19 -10.41
N ARG A 120 -18.97 -21.07 -11.12
CA ARG A 120 -20.02 -21.93 -10.57
C ARG A 120 -19.46 -23.01 -9.63
N GLY A 131 -35.88 -15.03 -11.70
CA GLY A 131 -35.44 -15.84 -10.58
C GLY A 131 -33.94 -16.13 -10.55
N ASP A 132 -33.16 -15.34 -11.28
CA ASP A 132 -31.71 -15.50 -11.35
C ASP A 132 -31.03 -14.16 -11.58
N ARG A 133 -31.47 -13.44 -12.62
CA ARG A 133 -31.05 -12.07 -12.86
C ARG A 133 -31.28 -11.26 -11.62
N GLU A 134 -32.48 -11.34 -11.08
CA GLU A 134 -32.83 -10.59 -9.88
C GLU A 134 -31.71 -10.68 -8.82
N ALA A 135 -31.32 -11.91 -8.49
CA ALA A 135 -30.26 -12.13 -7.52
C ALA A 135 -28.98 -11.44 -7.91
N MET A 136 -28.71 -11.33 -9.22
CA MET A 136 -27.48 -10.71 -9.71
C MET A 136 -27.59 -9.20 -9.59
N GLU A 137 -28.69 -8.64 -10.08
CA GLU A 137 -28.89 -7.21 -10.02
C GLU A 137 -29.09 -6.69 -8.58
N THR A 138 -29.72 -7.49 -7.73
CA THR A 138 -29.90 -7.07 -6.36
C THR A 138 -28.62 -7.22 -5.55
N ALA A 139 -27.82 -8.25 -5.83
CA ALA A 139 -26.55 -8.42 -5.12
C ALA A 139 -25.62 -7.23 -5.38
N THR A 140 -25.57 -6.82 -6.63
CA THR A 140 -24.74 -5.71 -7.06
C THR A 140 -25.11 -4.45 -6.33
N ALA A 141 -26.39 -4.16 -6.31
CA ALA A 141 -26.89 -2.91 -5.73
C ALA A 141 -26.86 -2.94 -4.19
N ASP A 142 -27.08 -4.13 -3.63
CA ASP A 142 -27.03 -4.29 -2.19
C ASP A 142 -25.60 -4.17 -1.66
N LEU A 143 -24.71 -4.98 -2.17
CA LEU A 143 -23.33 -5.00 -1.70
C LEU A 143 -22.72 -3.66 -1.97
N PHE A 144 -22.90 -3.14 -3.20
CA PHE A 144 -22.31 -1.83 -3.51
C PHE A 144 -22.95 -0.68 -2.77
N GLY A 145 -24.26 -0.72 -2.58
CA GLY A 145 -24.96 0.39 -1.96
C GLY A 145 -24.58 0.57 -0.49
N SER A 146 -24.70 -0.53 0.25
CA SER A 146 -24.43 -0.53 1.66
C SER A 146 -22.98 -0.20 1.96
N ASN A 147 -22.04 -0.78 1.23
CA ASN A 147 -20.65 -0.68 1.55
C ASN A 147 -19.95 0.52 0.95
N ALA A 148 -20.53 1.15 -0.09
CA ALA A 148 -19.87 2.25 -0.81
C ALA A 148 -20.76 3.44 -1.22
N ILE A 149 -21.80 3.15 -1.97
CA ILE A 149 -22.62 4.20 -2.53
C ILE A 149 -23.42 4.93 -1.46
N ALA A 150 -24.09 4.19 -0.56
CA ALA A 150 -24.80 4.86 0.54
C ALA A 150 -23.84 5.79 1.34
N PRO A 151 -22.66 5.25 1.75
CA PRO A 151 -21.67 6.03 2.47
C PRO A 151 -21.32 7.28 1.70
N TYR A 152 -21.22 7.15 0.38
CA TYR A 152 -20.93 8.32 -0.44
C TYR A 152 -21.99 9.45 -0.23
N PHE A 153 -23.27 9.09 -0.44
CA PHE A 153 -24.37 10.04 -0.40
C PHE A 153 -24.56 10.56 1.01
N LEU A 154 -24.31 9.66 1.98
CA LEU A 154 -24.41 10.05 3.39
C LEU A 154 -23.39 11.14 3.63
N ILE A 155 -22.15 10.91 3.22
CA ILE A 155 -21.09 11.92 3.40
C ILE A 155 -21.46 13.22 2.70
N LYS A 156 -21.91 13.14 1.46
CA LYS A 156 -22.38 14.33 0.75
C LYS A 156 -23.42 15.11 1.59
N ALA A 157 -24.50 14.43 1.97
CA ALA A 157 -25.53 14.99 2.81
C ALA A 157 -24.98 15.66 4.10
N PHE A 158 -24.14 14.91 4.81
CA PHE A 158 -23.48 15.38 6.02
C PHE A 158 -22.67 16.63 5.67
N ALA A 159 -21.91 16.57 4.58
CA ALA A 159 -21.05 17.68 4.18
C ALA A 159 -21.85 18.92 3.88
N HIS A 160 -22.93 18.71 3.13
CA HIS A 160 -23.85 19.79 2.78
C HIS A 160 -24.44 20.54 4.02
N ARG A 161 -24.84 19.79 5.04
CA ARG A 161 -25.42 20.36 6.24
C ARG A 161 -24.44 21.24 7.03
N VAL A 162 -23.21 20.76 7.20
CA VAL A 162 -22.12 21.55 7.77
C VAL A 162 -21.85 22.82 6.95
N ALA A 163 -21.69 22.68 5.63
CA ALA A 163 -21.45 23.84 4.76
C ALA A 163 -22.58 24.87 4.84
N GLY A 164 -23.80 24.37 5.00
CA GLY A 164 -24.97 25.23 5.10
C GLY A 164 -25.14 25.83 6.49
N THR A 165 -24.31 25.42 7.44
CA THR A 165 -24.31 25.98 8.78
C THR A 165 -23.33 27.15 8.82
N PRO A 166 -23.76 28.34 9.29
CA PRO A 166 -22.84 29.48 9.43
C PRO A 166 -21.67 29.11 10.36
N ALA A 167 -20.47 29.50 9.93
CA ALA A 167 -19.25 29.16 10.64
C ALA A 167 -19.39 29.31 12.17
N LYS A 168 -20.09 30.37 12.56
CA LYS A 168 -20.30 30.71 13.94
C LYS A 168 -21.15 29.70 14.70
N HIS A 169 -21.87 28.84 13.99
CA HIS A 169 -22.67 27.81 14.63
C HIS A 169 -22.13 26.40 14.44
N ARG A 170 -21.03 26.24 13.72
CA ARG A 170 -20.53 24.88 13.45
C ARG A 170 -19.95 24.15 14.67
N GLY A 171 -20.01 22.81 14.67
CA GLY A 171 -19.40 22.01 15.72
C GLY A 171 -17.90 22.19 15.65
N THR A 172 -17.18 21.72 16.66
CA THR A 172 -15.72 21.89 16.65
C THR A 172 -14.97 20.60 16.46
N ASN A 173 -15.71 19.51 16.22
CA ASN A 173 -15.10 18.20 16.06
C ASN A 173 -15.95 17.28 15.17
N TYR A 174 -16.01 17.59 13.88
CA TYR A 174 -16.73 16.80 12.90
C TYR A 174 -15.90 15.56 12.52
N SER A 175 -16.50 14.39 12.61
CA SER A 175 -15.72 13.20 12.31
C SER A 175 -16.52 12.16 11.56
N ILE A 176 -15.96 11.65 10.45
CA ILE A 176 -16.59 10.58 9.71
C ILE A 176 -15.73 9.33 9.72
N ILE A 177 -16.31 8.20 10.08
CA ILE A 177 -15.56 6.95 10.14
C ILE A 177 -16.18 5.94 9.21
N ASN A 178 -15.37 5.39 8.31
CA ASN A 178 -15.83 4.35 7.38
C ASN A 178 -15.29 3.00 7.83
N MET A 179 -16.18 2.05 8.05
CA MET A 179 -15.74 0.73 8.44
C MET A 179 -15.26 -0.04 7.21
N VAL A 180 -13.95 -0.20 7.10
CA VAL A 180 -13.36 -0.94 5.98
C VAL A 180 -13.00 -2.38 6.37
N ASP A 181 -12.06 -3.00 5.69
CA ASP A 181 -11.71 -4.39 5.97
C ASP A 181 -10.23 -4.51 5.88
N ALA A 182 -9.58 -4.87 6.99
CA ALA A 182 -8.13 -4.99 7.00
C ALA A 182 -7.61 -6.12 6.06
N MET A 183 -8.50 -7.04 5.67
CA MET A 183 -8.08 -8.24 4.94
C MET A 183 -8.43 -8.24 3.45
N THR A 184 -9.11 -7.19 2.96
CA THR A 184 -9.46 -7.17 1.54
C THR A 184 -8.27 -7.22 0.55
N ASN A 185 -7.06 -6.84 1.00
CA ASN A 185 -5.90 -6.98 0.11
C ASN A 185 -5.39 -8.43 0.01
N GLN A 186 -5.97 -9.29 0.84
CA GLN A 186 -5.78 -10.71 0.77
C GLN A 186 -7.19 -11.30 0.61
N PRO A 187 -7.78 -11.10 -0.56
CA PRO A 187 -9.20 -11.38 -0.81
C PRO A 187 -9.73 -12.73 -0.34
N LEU A 188 -10.93 -12.70 0.23
CA LEU A 188 -11.62 -13.92 0.55
C LEU A 188 -12.20 -14.57 -0.74
N LEU A 189 -11.78 -15.80 -1.02
CA LEU A 189 -12.22 -16.49 -2.21
C LEU A 189 -13.77 -16.49 -2.37
N GLY A 190 -14.23 -15.93 -3.48
CA GLY A 190 -15.64 -15.90 -3.79
C GLY A 190 -16.40 -14.61 -3.45
N TYR A 191 -15.70 -13.63 -2.87
CA TYR A 191 -16.36 -12.42 -2.43
C TYR A 191 -16.01 -11.19 -3.23
N THR A 192 -15.78 -11.36 -4.53
CA THR A 192 -15.31 -10.25 -5.36
C THR A 192 -16.05 -8.91 -5.23
N ILE A 193 -17.37 -8.92 -5.22
CA ILE A 193 -18.11 -7.69 -5.22
C ILE A 193 -17.99 -6.98 -3.87
N TYR A 194 -18.01 -7.75 -2.80
CA TYR A 194 -17.86 -7.20 -1.48
C TYR A 194 -16.50 -6.55 -1.36
N THR A 195 -15.49 -7.31 -1.78
CA THR A 195 -14.13 -6.81 -1.74
C THR A 195 -14.05 -5.54 -2.56
N MET A 196 -14.71 -5.53 -3.72
CA MET A 196 -14.66 -4.38 -4.62
C MET A 196 -15.26 -3.16 -3.94
N ALA A 197 -16.48 -3.30 -3.41
CA ALA A 197 -17.11 -2.26 -2.61
C ALA A 197 -16.24 -1.72 -1.44
N LYS A 198 -15.54 -2.60 -0.72
CA LYS A 198 -14.62 -2.13 0.30
C LYS A 198 -13.45 -1.30 -0.26
N GLY A 199 -12.96 -1.69 -1.42
CA GLY A 199 -11.94 -0.92 -2.07
C GLY A 199 -12.48 0.46 -2.44
N ALA A 200 -13.73 0.49 -2.88
CA ALA A 200 -14.33 1.74 -3.22
C ALA A 200 -14.45 2.61 -1.97
N LEU A 201 -14.84 2.01 -0.87
CA LEU A 201 -14.89 2.70 0.42
C LEU A 201 -13.54 3.33 0.84
N GLU A 202 -12.45 2.60 0.66
CA GLU A 202 -11.13 3.16 0.95
C GLU A 202 -10.86 4.41 0.09
N GLY A 203 -11.15 4.31 -1.20
CA GLY A 203 -11.12 5.47 -2.09
C GLY A 203 -11.98 6.61 -1.58
N LEU A 204 -13.16 6.28 -1.09
CA LEU A 204 -14.07 7.32 -0.65
C LEU A 204 -13.42 8.05 0.53
N THR A 205 -12.84 7.26 1.43
CA THR A 205 -12.18 7.77 2.63
C THR A 205 -11.12 8.83 2.31
N ARG A 206 -10.26 8.52 1.34
CA ARG A 206 -9.17 9.42 1.00
C ARG A 206 -9.72 10.66 0.26
N SER A 207 -10.60 10.43 -0.71
CA SER A 207 -11.12 11.52 -1.54
C SER A 207 -11.94 12.46 -0.68
N ALA A 208 -12.76 11.90 0.19
CA ALA A 208 -13.53 12.74 1.12
C ALA A 208 -12.65 13.51 2.12
N ALA A 209 -11.64 12.87 2.70
CA ALA A 209 -10.78 13.59 3.63
C ALA A 209 -10.17 14.81 2.95
N LEU A 210 -9.71 14.63 1.71
CA LEU A 210 -9.12 15.72 0.97
C LEU A 210 -10.06 16.86 0.65
N GLU A 211 -11.22 16.53 0.11
CA GLU A 211 -12.19 17.53 -0.28
C GLU A 211 -12.87 18.24 0.90
N LEU A 212 -13.04 17.53 2.02
CA LEU A 212 -13.74 18.11 3.17
C LEU A 212 -12.79 18.72 4.22
N ALA A 213 -11.47 18.52 4.02
CA ALA A 213 -10.50 19.12 4.91
C ALA A 213 -10.80 20.62 5.17
N PRO A 214 -11.13 21.42 4.15
CA PRO A 214 -11.44 22.83 4.37
C PRO A 214 -12.59 23.10 5.38
N LEU A 215 -13.55 22.20 5.53
CA LEU A 215 -14.63 22.41 6.49
C LEU A 215 -14.24 21.75 7.79
N GLN A 216 -12.97 21.38 7.89
CA GLN A 216 -12.44 20.72 9.09
C GLN A 216 -13.21 19.44 9.44
N ILE A 217 -13.70 18.76 8.42
CA ILE A 217 -14.35 17.48 8.60
C ILE A 217 -13.32 16.43 8.32
N ARG A 218 -13.00 15.63 9.33
CA ARG A 218 -12.04 14.53 9.21
C ARG A 218 -12.75 13.26 8.75
N VAL A 219 -12.08 12.48 7.91
CA VAL A 219 -12.62 11.26 7.35
C VAL A 219 -11.57 10.16 7.36
N ASN A 220 -11.82 9.14 8.17
CA ASN A 220 -10.88 8.07 8.34
C ASN A 220 -11.56 6.73 8.22
N GLY A 221 -10.76 5.67 8.23
CA GLY A 221 -11.33 4.36 8.20
C GLY A 221 -10.82 3.50 9.28
N VAL A 222 -11.62 2.53 9.68
CA VAL A 222 -11.24 1.48 10.63
C VAL A 222 -11.49 0.11 9.96
N GLY A 223 -10.46 -0.72 9.89
CA GLY A 223 -10.59 -2.00 9.19
C GLY A 223 -10.38 -3.17 10.12
N PRO A 224 -11.47 -3.84 10.54
CA PRO A 224 -11.33 -5.01 11.38
C PRO A 224 -10.74 -6.15 10.58
N GLY A 225 -10.25 -7.17 11.28
CA GLY A 225 -9.79 -8.40 10.69
C GLY A 225 -10.87 -9.44 10.90
N LEU A 226 -10.81 -10.12 12.04
CA LEU A 226 -11.87 -11.02 12.48
C LEU A 226 -12.44 -10.50 13.79
N SER A 227 -13.72 -10.10 13.77
CA SER A 227 -14.41 -9.63 14.97
C SER A 227 -15.72 -10.34 15.17
N VAL A 228 -15.92 -10.82 16.41
CA VAL A 228 -17.14 -11.53 16.80
C VAL A 228 -17.54 -12.47 15.67
N LEU A 229 -16.56 -13.30 15.32
CA LEU A 229 -16.65 -14.18 14.17
C LEU A 229 -17.84 -15.12 14.35
N VAL A 230 -18.74 -15.13 13.36
CA VAL A 230 -19.97 -15.92 13.40
C VAL A 230 -19.64 -17.41 13.50
N ASP A 231 -20.40 -18.14 14.30
CA ASP A 231 -20.11 -19.55 14.59
C ASP A 231 -21.09 -20.55 13.95
N ASP A 232 -21.58 -20.24 12.76
CA ASP A 232 -22.42 -21.15 12.00
C ASP A 232 -21.53 -22.17 11.22
N MET A 233 -20.83 -22.99 11.97
CA MET A 233 -19.88 -23.94 11.40
C MET A 233 -19.38 -24.82 12.53
N PRO A 234 -18.73 -25.91 12.22
CA PRO A 234 -18.22 -26.82 13.27
C PRO A 234 -17.31 -26.10 14.30
N PRO A 235 -17.41 -26.42 15.58
CA PRO A 235 -16.53 -25.83 16.62
C PRO A 235 -15.04 -25.77 16.22
N ALA A 236 -14.51 -26.90 15.74
CA ALA A 236 -13.12 -27.03 15.35
C ALA A 236 -12.77 -26.13 14.18
N VAL A 237 -13.71 -25.96 13.26
CA VAL A 237 -13.49 -25.17 12.06
C VAL A 237 -13.41 -23.71 12.45
N TRP A 238 -14.08 -23.39 13.56
CA TRP A 238 -14.12 -22.04 14.11
C TRP A 238 -12.88 -21.80 14.95
N GLU A 239 -12.34 -22.86 15.56
CA GLU A 239 -11.10 -22.78 16.33
C GLU A 239 -10.00 -22.47 15.36
N GLY A 240 -10.06 -23.14 14.20
CA GLY A 240 -9.11 -22.98 13.11
C GLY A 240 -8.96 -21.55 12.61
N HIS A 241 -10.07 -20.96 12.18
CA HIS A 241 -10.05 -19.60 11.65
C HIS A 241 -9.43 -18.62 12.65
N ARG A 242 -9.94 -18.61 13.88
CA ARG A 242 -9.46 -17.62 14.86
C ARG A 242 -7.99 -17.87 15.27
N SER A 243 -7.60 -19.15 15.28
CA SER A 243 -6.23 -19.52 15.59
C SER A 243 -5.21 -18.97 14.57
N LYS A 244 -5.67 -18.52 13.40
CA LYS A 244 -4.82 -17.93 12.41
C LYS A 244 -4.46 -16.49 12.74
N VAL A 245 -5.15 -15.85 13.67
CA VAL A 245 -4.83 -14.46 14.03
C VAL A 245 -3.57 -14.46 14.92
N PRO A 246 -2.48 -13.85 14.47
CA PRO A 246 -1.24 -13.92 15.24
C PRO A 246 -1.41 -13.51 16.72
N LEU A 247 -2.01 -12.34 17.00
CA LEU A 247 -2.25 -11.88 18.38
C LEU A 247 -3.48 -12.51 19.08
N TYR A 248 -3.21 -13.25 20.17
CA TYR A 248 -4.22 -13.91 21.00
C TYR A 248 -4.83 -15.13 20.37
N GLN A 249 -4.54 -15.37 19.09
CA GLN A 249 -5.11 -16.51 18.37
C GLN A 249 -6.63 -16.57 18.50
N ARG A 250 -7.26 -15.41 18.34
CA ARG A 250 -8.70 -15.30 18.37
C ARG A 250 -9.21 -14.07 17.59
N ASP A 251 -10.48 -14.14 17.18
CA ASP A 251 -11.16 -12.97 16.66
C ASP A 251 -11.30 -11.95 17.81
N SER A 252 -11.59 -10.71 17.45
CA SER A 252 -11.71 -9.69 18.47
C SER A 252 -13.16 -9.53 18.99
N SER A 253 -13.29 -8.85 20.13
CA SER A 253 -14.58 -8.48 20.64
C SER A 253 -15.00 -7.23 19.91
N ALA A 254 -16.28 -6.90 20.00
CA ALA A 254 -16.76 -5.67 19.39
C ALA A 254 -16.10 -4.44 20.01
N ALA A 255 -15.91 -4.45 21.32
CA ALA A 255 -15.31 -3.31 22.02
C ALA A 255 -13.88 -3.01 21.54
N GLU A 256 -13.12 -4.08 21.29
CA GLU A 256 -11.74 -3.93 20.80
C GLU A 256 -11.68 -3.19 19.45
N VAL A 257 -12.80 -3.15 18.74
CA VAL A 257 -12.88 -2.39 17.50
C VAL A 257 -13.54 -1.02 17.76
N SER A 258 -14.65 -1.01 18.47
CA SER A 258 -15.39 0.24 18.71
C SER A 258 -14.58 1.29 19.45
N ASP A 259 -13.74 0.88 20.40
CA ASP A 259 -12.87 1.85 21.10
C ASP A 259 -11.94 2.60 20.14
N VAL A 260 -11.48 1.94 19.07
CA VAL A 260 -10.66 2.57 18.07
C VAL A 260 -11.47 3.61 17.31
N VAL A 261 -12.68 3.23 16.96
CA VAL A 261 -13.61 4.14 16.32
C VAL A 261 -13.83 5.38 17.18
N ILE A 262 -14.09 5.14 18.46
CA ILE A 262 -14.38 6.21 19.40
C ILE A 262 -13.16 7.13 19.51
N PHE A 263 -11.98 6.53 19.60
CA PHE A 263 -10.78 7.32 19.66
C PHE A 263 -10.60 8.24 18.45
N LEU A 264 -10.79 7.70 17.27
CA LEU A 264 -10.71 8.51 16.06
C LEU A 264 -11.72 9.65 16.03
N CYS A 265 -12.80 9.52 16.80
CA CYS A 265 -13.80 10.58 16.85
C CYS A 265 -13.50 11.62 17.90
N SER A 266 -12.56 11.32 18.81
CA SER A 266 -12.23 12.26 19.87
C SER A 266 -11.39 13.43 19.35
N SER A 267 -11.42 14.56 20.05
CA SER A 267 -10.60 15.72 19.72
C SER A 267 -9.08 15.45 19.84
N LYS A 268 -8.70 14.43 20.57
CA LYS A 268 -7.29 14.04 20.59
C LYS A 268 -6.82 13.42 19.26
N ALA A 269 -7.74 13.14 18.35
CA ALA A 269 -7.37 12.63 17.03
C ALA A 269 -7.59 13.66 15.90
N LYS A 270 -7.78 14.91 16.24
CA LYS A 270 -8.08 15.97 15.27
C LYS A 270 -7.01 16.27 14.18
N TYR A 271 -5.85 15.64 14.23
CA TYR A 271 -4.87 15.83 13.15
C TYR A 271 -4.82 14.61 12.21
N ILE A 272 -5.57 13.59 12.55
CA ILE A 272 -5.66 12.39 11.71
C ILE A 272 -6.80 12.53 10.70
N THR A 273 -6.48 12.30 9.44
CA THR A 273 -7.51 12.26 8.42
C THR A 273 -7.02 11.55 7.15
N GLY A 274 -7.90 10.85 6.47
CA GLY A 274 -7.52 10.16 5.26
C GLY A 274 -6.77 8.87 5.52
N THR A 275 -6.87 8.35 6.73
CA THR A 275 -6.15 7.13 7.06
C THR A 275 -7.06 6.04 7.52
N CYS A 276 -6.61 4.81 7.26
CA CYS A 276 -7.35 3.63 7.65
C CYS A 276 -6.52 2.93 8.69
N VAL A 277 -7.14 2.55 9.80
CA VAL A 277 -6.46 1.87 10.88
C VAL A 277 -6.89 0.41 10.94
N LYS A 278 -5.95 -0.51 10.73
CA LYS A 278 -6.26 -1.93 10.90
C LYS A 278 -6.42 -2.26 12.37
N VAL A 279 -7.40 -3.10 12.67
CA VAL A 279 -7.64 -3.59 14.03
C VAL A 279 -7.81 -5.08 13.85
N ASP A 280 -6.70 -5.73 13.52
CA ASP A 280 -6.75 -7.11 13.06
C ASP A 280 -5.85 -8.10 13.79
N GLY A 281 -5.24 -7.65 14.88
CA GLY A 281 -4.32 -8.46 15.66
C GLY A 281 -3.22 -9.10 14.81
N GLY A 282 -2.86 -8.42 13.72
CA GLY A 282 -1.75 -8.87 12.91
C GLY A 282 -2.14 -9.88 11.86
N TYR A 283 -3.44 -10.14 11.72
CA TYR A 283 -3.89 -11.12 10.75
C TYR A 283 -3.39 -10.81 9.33
N SER A 284 -3.38 -9.52 8.98
CA SER A 284 -2.98 -9.14 7.60
C SER A 284 -1.48 -9.38 7.33
N LEU A 285 -0.71 -9.64 8.40
CA LEU A 285 0.70 -9.90 8.25
C LEU A 285 0.96 -11.36 7.91
N THR A 286 -0.07 -12.19 7.95
CA THR A 286 0.15 -13.61 7.65
C THR A 286 0.16 -13.95 6.17
N ARG A 287 0.65 -15.15 5.87
CA ARG A 287 0.65 -15.70 4.52
C ARG A 287 0.20 -17.15 4.55
N ALA A 288 -0.39 -17.64 3.45
CA ALA A 288 -0.80 -19.05 3.32
C ALA A 288 0.39 -20.04 3.49
N VAL B 6 -3.45 -18.45 -33.62
CA VAL B 6 -3.83 -16.98 -33.67
C VAL B 6 -4.81 -16.56 -32.53
N PRO B 7 -4.23 -15.99 -31.47
CA PRO B 7 -4.98 -15.62 -30.26
C PRO B 7 -5.90 -14.39 -30.46
N VAL B 8 -6.94 -14.33 -29.66
CA VAL B 8 -7.91 -13.24 -29.74
C VAL B 8 -7.83 -12.35 -28.53
N ALA B 9 -8.01 -11.06 -28.71
CA ALA B 9 -7.98 -10.11 -27.60
C ALA B 9 -9.16 -9.18 -27.71
N LEU B 10 -9.94 -9.05 -26.64
CA LEU B 10 -11.05 -8.09 -26.57
C LEU B 10 -10.57 -6.86 -25.83
N VAL B 11 -10.65 -5.70 -26.45
CA VAL B 11 -10.25 -4.44 -25.80
C VAL B 11 -11.42 -3.45 -25.73
N THR B 12 -11.87 -3.12 -24.52
CA THR B 12 -12.95 -2.14 -24.37
C THR B 12 -12.41 -0.72 -24.51
N GLY B 13 -13.25 0.20 -25.00
CA GLY B 13 -12.84 1.55 -25.32
C GLY B 13 -11.63 1.58 -26.23
N ALA B 14 -11.65 0.76 -27.29
CA ALA B 14 -10.50 0.60 -28.18
C ALA B 14 -10.37 1.67 -29.26
N ALA B 15 -11.42 2.47 -29.43
CA ALA B 15 -11.50 3.44 -30.52
C ALA B 15 -10.35 4.43 -30.60
N LYS B 16 -9.92 4.98 -29.46
CA LYS B 16 -8.80 5.95 -29.51
C LYS B 16 -7.86 5.96 -28.32
N ARG B 17 -6.88 6.88 -28.37
CA ARG B 17 -5.95 7.09 -27.28
C ARG B 17 -5.30 5.78 -26.80
N LEU B 18 -5.31 5.52 -25.48
CA LEU B 18 -4.71 4.31 -24.90
C LEU B 18 -5.34 3.01 -25.39
N GLY B 19 -6.66 2.98 -25.45
CA GLY B 19 -7.33 1.81 -25.98
C GLY B 19 -6.84 1.42 -27.38
N ARG B 20 -6.68 2.41 -28.25
CA ARG B 20 -6.23 2.19 -29.61
C ARG B 20 -4.79 1.71 -29.64
N SER B 21 -3.94 2.36 -28.87
CA SER B 21 -2.57 1.95 -28.77
C SER B 21 -2.46 0.50 -28.29
N ILE B 22 -3.33 0.11 -27.36
CA ILE B 22 -3.29 -1.26 -26.83
C ILE B 22 -3.71 -2.26 -27.92
N ALA B 23 -4.78 -1.95 -28.66
CA ALA B 23 -5.23 -2.81 -29.76
C ALA B 23 -4.17 -2.94 -30.84
N GLU B 24 -3.53 -1.84 -31.21
CA GLU B 24 -2.45 -1.86 -32.19
C GLU B 24 -1.30 -2.72 -31.70
N GLY B 25 -0.90 -2.53 -30.43
CA GLY B 25 0.18 -3.31 -29.83
C GLY B 25 -0.11 -4.80 -29.89
N LEU B 26 -1.30 -5.20 -29.45
CA LEU B 26 -1.67 -6.59 -29.45
C LEU B 26 -1.76 -7.11 -30.90
N HIS B 27 -2.24 -6.26 -31.79
CA HIS B 27 -2.36 -6.65 -33.21
C HIS B 27 -0.97 -6.90 -33.81
N ALA B 28 0.00 -6.09 -33.41
CA ALA B 28 1.36 -6.20 -33.92
C ALA B 28 2.02 -7.47 -33.42
N GLU B 29 1.45 -8.06 -32.37
CA GLU B 29 2.02 -9.28 -31.80
C GLU B 29 1.33 -10.50 -32.41
N GLY B 30 0.35 -10.23 -33.27
CA GLY B 30 -0.33 -11.30 -33.98
C GLY B 30 -1.74 -11.57 -33.51
N TYR B 31 -2.20 -10.84 -32.49
CA TYR B 31 -3.55 -11.05 -31.96
C TYR B 31 -4.64 -10.61 -32.93
N ALA B 32 -5.72 -11.37 -32.98
CA ALA B 32 -6.90 -10.89 -33.64
C ALA B 32 -7.62 -10.04 -32.58
N VAL B 33 -8.16 -8.89 -32.95
CA VAL B 33 -8.62 -7.93 -31.94
C VAL B 33 -10.07 -7.49 -32.09
N CYS B 34 -10.85 -7.71 -31.05
CA CYS B 34 -12.22 -7.25 -31.00
C CYS B 34 -12.22 -5.89 -30.30
N LEU B 35 -12.47 -4.85 -31.09
CA LEU B 35 -12.42 -3.45 -30.64
C LEU B 35 -13.78 -3.00 -30.16
N HIS B 36 -13.92 -2.77 -28.85
CA HIS B 36 -15.21 -2.29 -28.32
C HIS B 36 -15.22 -0.78 -28.32
N TYR B 37 -16.41 -0.23 -28.50
CA TYR B 37 -16.58 1.21 -28.49
C TYR B 37 -17.97 1.54 -27.98
N HIS B 38 -18.13 2.76 -27.48
CA HIS B 38 -19.44 3.23 -27.06
C HIS B 38 -19.97 4.24 -28.08
N ARG B 39 -19.34 5.42 -28.09
CA ARG B 39 -19.71 6.53 -28.96
C ARG B 39 -18.79 6.76 -30.15
N SER B 40 -17.58 6.22 -30.13
CA SER B 40 -16.65 6.48 -31.23
C SER B 40 -16.72 5.45 -32.38
N ALA B 41 -17.87 5.38 -33.02
CA ALA B 41 -18.07 4.40 -34.08
C ALA B 41 -17.14 4.64 -35.27
N ALA B 42 -17.04 5.91 -35.68
CA ALA B 42 -16.21 6.31 -36.80
C ALA B 42 -14.75 5.96 -36.58
N GLU B 43 -14.20 6.36 -35.44
CA GLU B 43 -12.80 6.05 -35.09
C GLU B 43 -12.57 4.54 -34.96
N ALA B 44 -13.55 3.83 -34.42
CA ALA B 44 -13.49 2.39 -34.24
C ALA B 44 -13.42 1.65 -35.56
N ASN B 45 -14.39 1.95 -36.46
CA ASN B 45 -14.40 1.38 -37.80
C ASN B 45 -13.18 1.70 -38.65
N ALA B 46 -12.67 2.93 -38.50
CA ALA B 46 -11.44 3.34 -39.18
C ALA B 46 -10.30 2.47 -38.73
N LEU B 47 -10.26 2.17 -37.44
CA LEU B 47 -9.14 1.37 -36.89
C LEU B 47 -9.21 -0.09 -37.36
N SER B 48 -10.40 -0.65 -37.32
CA SER B 48 -10.67 -2.00 -37.82
C SER B 48 -10.20 -2.14 -39.26
N ALA B 49 -10.61 -1.17 -40.09
CA ALA B 49 -10.19 -1.16 -41.49
C ALA B 49 -8.68 -1.18 -41.59
N THR B 50 -8.00 -0.35 -40.81
CA THR B 50 -6.54 -0.34 -40.89
C THR B 50 -6.01 -1.71 -40.56
N LEU B 51 -6.51 -2.30 -39.47
CA LEU B 51 -5.97 -3.57 -38.97
C LEU B 51 -6.29 -4.72 -39.94
N ASN B 52 -7.55 -4.79 -40.38
CA ASN B 52 -7.98 -5.76 -41.37
C ASN B 52 -7.22 -5.60 -42.68
N ALA B 53 -6.88 -4.37 -43.05
CA ALA B 53 -6.09 -4.13 -44.26
C ALA B 53 -4.71 -4.72 -44.08
N ARG B 54 -4.15 -4.61 -42.87
CA ARG B 54 -2.81 -5.14 -42.56
C ARG B 54 -2.74 -6.68 -42.50
N ARG B 55 -3.88 -7.28 -42.16
CA ARG B 55 -3.98 -8.72 -41.95
C ARG B 55 -5.47 -9.06 -41.99
N PRO B 56 -5.90 -9.70 -43.07
CA PRO B 56 -7.33 -10.01 -43.25
C PRO B 56 -7.99 -10.72 -42.06
N ASN B 57 -9.20 -10.28 -41.75
CA ASN B 57 -9.99 -10.83 -40.64
C ASN B 57 -9.28 -10.86 -39.28
N SER B 58 -8.56 -9.79 -38.96
CA SER B 58 -7.82 -9.69 -37.72
C SER B 58 -8.45 -8.65 -36.79
N ALA B 59 -9.62 -8.13 -37.15
CA ALA B 59 -10.29 -7.08 -36.35
C ALA B 59 -11.77 -7.02 -36.57
N ILE B 60 -12.50 -6.80 -35.49
CA ILE B 60 -13.94 -6.55 -35.56
C ILE B 60 -14.28 -5.44 -34.57
N THR B 61 -15.52 -4.94 -34.60
CA THR B 61 -16.00 -4.01 -33.59
C THR B 61 -17.35 -4.38 -33.00
N VAL B 62 -17.55 -4.01 -31.73
CA VAL B 62 -18.84 -4.23 -31.07
C VAL B 62 -19.13 -2.99 -30.25
N GLN B 63 -20.34 -2.47 -30.37
CA GLN B 63 -20.74 -1.27 -29.67
C GLN B 63 -21.41 -1.67 -28.37
N ALA B 64 -21.16 -0.92 -27.29
CA ALA B 64 -21.85 -1.19 -26.05
C ALA B 64 -21.69 -0.10 -25.00
N ASP B 65 -22.79 0.27 -24.38
CA ASP B 65 -22.76 1.15 -23.24
C ASP B 65 -22.52 0.27 -22.02
N LEU B 66 -21.40 0.52 -21.35
CA LEU B 66 -20.98 -0.28 -20.19
C LEU B 66 -21.42 0.38 -18.90
N SER B 67 -22.14 1.48 -19.00
CA SER B 67 -22.73 2.04 -17.81
C SER B 67 -23.65 0.97 -17.15
N ASN B 68 -23.68 0.97 -15.83
CA ASN B 68 -24.56 0.03 -15.10
C ASN B 68 -26.05 0.42 -15.19
N VAL B 69 -26.59 0.39 -16.42
CA VAL B 69 -28.00 0.65 -16.70
C VAL B 69 -28.54 -0.35 -17.70
N ALA B 70 -29.81 -0.71 -17.56
CA ALA B 70 -30.51 -1.56 -18.57
C ALA B 70 -30.70 -0.81 -19.90
N THR B 71 -30.30 -1.43 -21.01
CA THR B 71 -30.58 -0.79 -22.32
C THR B 71 -31.88 -1.29 -22.97
N ALA B 72 -32.36 -0.55 -23.96
CA ALA B 72 -33.52 -0.93 -24.77
C ALA B 72 -33.13 -1.98 -25.82
N PRO B 73 -33.92 -3.04 -25.93
CA PRO B 73 -33.67 -4.18 -26.84
C PRO B 73 -33.46 -3.87 -28.32
N VAL B 74 -33.26 -4.93 -29.11
CA VAL B 74 -33.08 -4.91 -30.58
C VAL B 74 -32.31 -3.69 -31.11
N ALA B 81 -38.46 -6.71 -22.99
CA ALA B 81 -37.60 -6.95 -21.82
C ALA B 81 -36.23 -6.25 -21.99
N PRO B 82 -35.96 -5.28 -21.10
CA PRO B 82 -34.73 -4.48 -21.12
C PRO B 82 -33.44 -5.32 -21.00
N VAL B 83 -32.36 -4.86 -21.62
CA VAL B 83 -31.10 -5.59 -21.56
C VAL B 83 -30.26 -5.08 -20.38
N THR B 84 -29.85 -6.01 -19.52
CA THR B 84 -29.00 -5.66 -18.40
C THR B 84 -27.53 -5.52 -18.82
N LEU B 85 -26.77 -4.84 -17.97
CA LEU B 85 -25.35 -4.65 -18.23
C LEU B 85 -24.64 -6.01 -18.40
N PHE B 86 -25.00 -6.97 -17.54
CA PHE B 86 -24.34 -8.26 -17.57
C PHE B 86 -24.50 -8.96 -18.93
N THR B 87 -25.73 -8.91 -19.43
CA THR B 87 -26.03 -9.47 -20.74
C THR B 87 -25.21 -8.79 -21.82
N ARG B 88 -25.18 -7.48 -21.85
CA ARG B 88 -24.38 -6.75 -22.84
C ARG B 88 -22.91 -7.16 -22.76
N CYS B 89 -22.43 -7.39 -21.53
CA CYS B 89 -21.06 -7.86 -21.29
C CYS B 89 -20.80 -9.27 -21.80
N ALA B 90 -21.69 -10.20 -21.48
CA ALA B 90 -21.58 -11.55 -22.00
C ALA B 90 -21.54 -11.50 -23.50
N GLU B 91 -22.39 -10.67 -24.10
CA GLU B 91 -22.44 -10.55 -25.56
C GLU B 91 -21.13 -10.07 -26.17
N LEU B 92 -20.42 -9.18 -25.51
CA LEU B 92 -19.10 -8.78 -26.04
C LEU B 92 -18.14 -9.99 -26.10
N VAL B 93 -18.11 -10.78 -25.02
CA VAL B 93 -17.22 -11.93 -24.93
C VAL B 93 -17.68 -12.93 -25.96
N ALA B 94 -19.00 -13.11 -26.05
CA ALA B 94 -19.60 -14.03 -27.03
C ALA B 94 -19.22 -13.65 -28.45
N ALA B 95 -19.21 -12.35 -28.74
CA ALA B 95 -18.83 -11.90 -30.07
C ALA B 95 -17.46 -12.41 -30.49
N CYS B 96 -16.57 -12.63 -29.54
CA CYS B 96 -15.22 -13.11 -29.84
C CYS B 96 -15.27 -14.59 -30.17
N TYR B 97 -16.02 -15.35 -29.37
CA TYR B 97 -16.11 -16.78 -29.61
C TYR B 97 -16.94 -17.14 -30.84
N THR B 98 -17.97 -16.35 -31.12
CA THR B 98 -18.77 -16.48 -32.35
C THR B 98 -17.93 -16.26 -33.61
N HIS B 99 -17.10 -15.21 -33.63
CA HIS B 99 -16.39 -14.87 -34.84
C HIS B 99 -15.12 -15.65 -35.03
N TRP B 100 -14.36 -15.84 -33.94
CA TRP B 100 -13.04 -16.47 -34.05
C TRP B 100 -12.96 -17.76 -33.24
N GLY B 101 -14.02 -18.09 -32.50
CA GLY B 101 -14.05 -19.28 -31.65
C GLY B 101 -13.15 -19.23 -30.42
N ARG B 102 -12.74 -18.02 -29.99
CA ARG B 102 -11.87 -17.89 -28.83
C ARG B 102 -11.69 -16.44 -28.31
N CYS B 103 -11.25 -16.36 -27.04
CA CYS B 103 -10.94 -15.08 -26.41
C CYS B 103 -9.82 -15.35 -25.43
N ASP B 104 -8.60 -14.95 -25.78
CA ASP B 104 -7.45 -15.25 -24.92
C ASP B 104 -7.12 -14.10 -23.97
N VAL B 105 -7.33 -12.89 -24.46
CA VAL B 105 -7.00 -11.69 -23.71
C VAL B 105 -8.17 -10.75 -23.55
N LEU B 106 -8.33 -10.23 -22.33
CA LEU B 106 -9.33 -9.19 -22.04
C LEU B 106 -8.65 -7.99 -21.46
N VAL B 107 -8.94 -6.81 -22.02
CA VAL B 107 -8.40 -5.57 -21.49
C VAL B 107 -9.51 -4.59 -21.13
N ASN B 108 -9.74 -4.44 -19.83
CA ASN B 108 -10.73 -3.49 -19.37
C ASN B 108 -10.11 -2.11 -19.41
N ASN B 109 -10.23 -1.46 -20.56
CA ASN B 109 -9.72 -0.10 -20.73
C ASN B 109 -10.78 1.03 -20.67
N ALA B 110 -11.98 0.77 -21.16
CA ALA B 110 -13.04 1.77 -21.20
C ALA B 110 -13.19 2.45 -19.83
N SER B 111 -13.38 3.77 -19.83
CA SER B 111 -13.48 4.49 -18.58
C SER B 111 -14.07 5.86 -18.72
N SER B 112 -15.10 6.15 -17.94
CA SER B 112 -15.64 7.51 -17.90
C SER B 112 -14.94 8.27 -16.76
N PHE B 113 -14.70 9.55 -16.96
CA PHE B 113 -14.00 10.38 -16.01
C PHE B 113 -14.54 11.83 -16.02
N TYR B 114 -15.24 12.22 -14.96
CA TYR B 114 -15.71 13.58 -14.79
C TYR B 114 -16.00 13.78 -13.32
N PRO B 115 -16.10 15.06 -12.89
CA PRO B 115 -16.32 15.43 -11.48
C PRO B 115 -17.62 15.01 -10.84
N THR B 116 -17.52 14.67 -9.55
CA THR B 116 -18.65 14.37 -8.70
C THR B 116 -18.36 14.96 -7.35
N PRO B 117 -18.47 16.30 -7.28
CA PRO B 117 -18.03 17.05 -6.11
C PRO B 117 -18.91 16.72 -4.92
N LEU B 118 -18.35 16.88 -3.73
CA LEU B 118 -19.13 16.81 -2.49
C LEU B 118 -19.71 18.14 -2.08
N LEU B 119 -19.12 19.24 -2.55
CA LEU B 119 -19.54 20.60 -2.21
C LEU B 119 -19.69 21.60 -3.35
N ARG B 120 -19.25 22.85 -3.05
CA ARG B 120 -19.34 24.04 -3.92
C ARG B 120 -20.72 24.11 -4.57
N ASN B 121 -21.71 23.62 -3.79
CA ASN B 121 -23.11 23.48 -4.19
C ASN B 121 -24.04 23.10 -3.01
N ARG B 133 -30.61 15.20 -9.27
CA ARG B 133 -31.17 15.07 -10.60
C ARG B 133 -31.04 13.65 -11.14
N GLU B 134 -31.23 13.53 -12.45
CA GLU B 134 -30.98 12.29 -13.12
C GLU B 134 -29.48 12.30 -13.38
N ALA B 135 -28.89 13.45 -13.08
CA ALA B 135 -27.44 13.64 -13.14
C ALA B 135 -26.72 12.73 -12.18
N MET B 136 -27.11 12.71 -10.92
CA MET B 136 -26.44 11.89 -9.94
C MET B 136 -26.81 10.43 -10.07
N GLU B 137 -27.94 10.10 -10.68
CA GLU B 137 -28.27 8.70 -10.90
C GLU B 137 -27.51 8.09 -12.08
N THR B 138 -27.24 8.92 -13.08
CA THR B 138 -26.53 8.45 -14.25
C THR B 138 -25.03 8.48 -14.06
N ALA B 139 -24.55 9.49 -13.34
CA ALA B 139 -23.12 9.60 -13.04
C ALA B 139 -22.65 8.37 -12.25
N THR B 140 -23.46 7.94 -11.31
CA THR B 140 -23.11 6.85 -10.43
C THR B 140 -23.01 5.62 -11.27
N ALA B 141 -24.02 5.38 -12.09
CA ALA B 141 -24.05 4.16 -12.89
C ALA B 141 -23.00 4.13 -14.01
N ASP B 142 -22.76 5.30 -14.62
CA ASP B 142 -21.79 5.38 -15.71
C ASP B 142 -20.35 5.27 -15.22
N LEU B 143 -19.99 6.06 -14.19
CA LEU B 143 -18.66 6.00 -13.63
C LEU B 143 -18.38 4.64 -13.04
N PHE B 144 -19.31 4.10 -12.25
CA PHE B 144 -19.12 2.82 -11.62
C PHE B 144 -19.25 1.64 -12.55
N GLY B 145 -20.15 1.74 -13.52
CA GLY B 145 -20.29 0.71 -14.54
C GLY B 145 -19.04 0.56 -15.38
N SER B 146 -18.61 1.65 -15.99
CA SER B 146 -17.49 1.59 -16.93
C SER B 146 -16.17 1.19 -16.27
N ASN B 147 -15.91 1.77 -15.10
CA ASN B 147 -14.67 1.55 -14.40
C ASN B 147 -14.58 0.31 -13.53
N ALA B 148 -15.68 -0.39 -13.27
CA ALA B 148 -15.68 -1.46 -12.25
C ALA B 148 -16.70 -2.58 -12.49
N ILE B 149 -17.98 -2.21 -12.58
CA ILE B 149 -19.04 -3.19 -12.70
C ILE B 149 -19.01 -3.90 -14.05
N ALA B 150 -18.90 -3.16 -15.14
CA ALA B 150 -18.70 -3.84 -16.46
C ALA B 150 -17.51 -4.80 -16.42
N PRO B 151 -16.32 -4.33 -15.95
CA PRO B 151 -15.12 -5.18 -15.89
C PRO B 151 -15.39 -6.44 -15.08
N TYR B 152 -16.21 -6.29 -14.05
CA TYR B 152 -16.54 -7.43 -13.22
C TYR B 152 -17.27 -8.48 -14.07
N PHE B 153 -18.30 -8.04 -14.79
CA PHE B 153 -19.15 -8.95 -15.54
C PHE B 153 -18.44 -9.53 -16.75
N LEU B 154 -17.60 -8.70 -17.36
CA LEU B 154 -16.78 -9.10 -18.48
C LEU B 154 -15.91 -10.24 -18.01
N ILE B 155 -15.22 -10.06 -16.89
CA ILE B 155 -14.34 -11.09 -16.34
C ILE B 155 -15.13 -12.37 -16.09
N LYS B 156 -16.30 -12.22 -15.51
CA LYS B 156 -17.14 -13.39 -15.25
C LYS B 156 -17.41 -14.14 -16.53
N ALA B 157 -17.90 -13.40 -17.51
CA ALA B 157 -18.18 -13.95 -18.81
C ALA B 157 -16.96 -14.63 -19.42
N PHE B 158 -15.84 -13.93 -19.38
CA PHE B 158 -14.58 -14.44 -19.91
C PHE B 158 -14.19 -15.75 -19.19
N ALA B 159 -14.25 -15.73 -17.86
CA ALA B 159 -13.97 -16.91 -17.05
C ALA B 159 -14.90 -18.09 -17.36
N HIS B 160 -16.19 -17.82 -17.54
CA HIS B 160 -17.11 -18.91 -17.83
C HIS B 160 -16.80 -19.57 -19.17
N ARG B 161 -16.24 -18.82 -20.10
CA ARG B 161 -16.03 -19.33 -21.43
C ARG B 161 -14.85 -20.28 -21.42
N VAL B 162 -13.85 -19.89 -20.63
CA VAL B 162 -12.68 -20.72 -20.44
C VAL B 162 -13.04 -22.00 -19.70
N ALA B 163 -13.76 -21.88 -18.58
CA ALA B 163 -14.20 -23.05 -17.81
C ALA B 163 -15.09 -24.00 -18.63
N GLY B 164 -15.89 -23.44 -19.52
CA GLY B 164 -16.74 -24.24 -20.39
C GLY B 164 -16.01 -24.84 -21.59
N THR B 165 -14.73 -24.48 -21.75
CA THR B 165 -13.88 -25.07 -22.79
C THR B 165 -13.14 -26.29 -22.21
N PRO B 166 -13.23 -27.47 -22.86
CA PRO B 166 -12.50 -28.64 -22.40
C PRO B 166 -11.01 -28.35 -22.33
N ALA B 167 -10.38 -28.82 -21.25
CA ALA B 167 -8.98 -28.53 -20.96
C ALA B 167 -8.01 -28.68 -22.16
N LYS B 168 -8.15 -29.78 -22.91
CA LYS B 168 -7.35 -30.07 -24.11
C LYS B 168 -7.44 -29.03 -25.22
N HIS B 169 -8.45 -28.16 -25.15
CA HIS B 169 -8.66 -27.15 -26.18
C HIS B 169 -8.34 -25.73 -25.74
N ARG B 170 -8.13 -25.56 -24.44
CA ARG B 170 -7.88 -24.24 -23.85
C ARG B 170 -6.63 -23.59 -24.39
N GLY B 171 -6.60 -22.26 -24.43
CA GLY B 171 -5.41 -21.53 -24.82
C GLY B 171 -4.37 -21.72 -23.74
N THR B 172 -3.15 -21.29 -24.01
CA THR B 172 -2.06 -21.49 -23.08
C THR B 172 -1.56 -20.21 -22.45
N ASN B 173 -2.26 -19.11 -22.71
CA ASN B 173 -1.85 -17.80 -22.21
C ASN B 173 -3.04 -16.85 -22.07
N TYR B 174 -3.91 -17.15 -21.11
CA TYR B 174 -5.06 -16.31 -20.79
C TYR B 174 -4.60 -15.12 -19.93
N SER B 175 -4.97 -13.91 -20.33
CA SER B 175 -4.53 -12.73 -19.64
C SER B 175 -5.57 -11.65 -19.67
N ILE B 176 -5.87 -11.12 -18.49
CA ILE B 176 -6.79 -10.01 -18.27
C ILE B 176 -6.04 -8.86 -17.64
N ILE B 177 -6.15 -7.68 -18.24
CA ILE B 177 -5.49 -6.48 -17.76
C ILE B 177 -6.53 -5.43 -17.48
N ASN B 178 -6.52 -4.91 -16.25
CA ASN B 178 -7.40 -3.82 -15.84
C ASN B 178 -6.63 -2.50 -15.84
N MET B 179 -7.17 -1.50 -16.53
CA MET B 179 -6.53 -0.18 -16.53
C MET B 179 -6.94 0.57 -15.26
N VAL B 180 -6.03 0.66 -14.31
CA VAL B 180 -6.26 1.38 -13.07
C VAL B 180 -5.63 2.77 -13.11
N ASP B 181 -5.34 3.35 -11.96
CA ASP B 181 -4.83 4.73 -11.92
C ASP B 181 -3.68 4.80 -10.92
N ALA B 182 -2.48 5.09 -11.38
CA ALA B 182 -1.37 5.22 -10.44
C ALA B 182 -1.56 6.34 -9.38
N MET B 183 -2.45 7.28 -9.65
CA MET B 183 -2.58 8.47 -8.81
C MET B 183 -3.81 8.49 -7.88
N THR B 184 -4.69 7.47 -7.92
CA THR B 184 -5.90 7.52 -7.09
C THR B 184 -5.65 7.55 -5.57
N ASN B 185 -4.46 7.15 -5.11
CA ASN B 185 -4.16 7.22 -3.66
C ASN B 185 -3.78 8.63 -3.24
N GLN B 186 -3.60 9.47 -4.24
CA GLN B 186 -3.43 10.90 -4.05
C GLN B 186 -4.59 11.56 -4.81
N PRO B 187 -5.80 11.40 -4.30
CA PRO B 187 -7.04 11.76 -5.03
C PRO B 187 -7.07 13.11 -5.70
N LEU B 188 -7.61 13.11 -6.90
CA LEU B 188 -7.84 14.35 -7.60
C LEU B 188 -9.09 15.03 -7.01
N LEU B 189 -8.92 16.24 -6.51
CA LEU B 189 -10.02 16.95 -5.83
C LEU B 189 -11.32 17.00 -6.66
N GLY B 190 -12.38 16.46 -6.10
CA GLY B 190 -13.65 16.54 -6.76
C GLY B 190 -14.06 15.35 -7.58
N TYR B 191 -13.22 14.31 -7.64
CA TYR B 191 -13.48 13.12 -8.43
C TYR B 191 -13.79 11.88 -7.62
N THR B 192 -14.46 12.06 -6.47
CA THR B 192 -14.72 10.95 -5.54
C THR B 192 -15.25 9.61 -6.13
N ILE B 193 -16.25 9.68 -6.99
CA ILE B 193 -16.87 8.48 -7.55
C ILE B 193 -15.93 7.74 -8.50
N TYR B 194 -15.28 8.48 -9.38
CA TYR B 194 -14.24 7.92 -10.23
C TYR B 194 -13.18 7.22 -9.37
N THR B 195 -12.68 7.90 -8.36
CA THR B 195 -11.60 7.38 -7.56
C THR B 195 -12.10 6.15 -6.83
N MET B 196 -13.36 6.18 -6.45
CA MET B 196 -13.95 5.03 -5.78
C MET B 196 -14.03 3.84 -6.74
N ALA B 197 -14.49 4.08 -7.96
CA ALA B 197 -14.58 3.00 -8.92
C ALA B 197 -13.18 2.42 -9.20
N LYS B 198 -12.16 3.27 -9.27
CA LYS B 198 -10.82 2.74 -9.53
C LYS B 198 -10.34 1.90 -8.37
N GLY B 199 -10.76 2.26 -7.18
CA GLY B 199 -10.43 1.46 -6.00
C GLY B 199 -11.12 0.12 -6.04
N ALA B 200 -12.32 0.10 -6.59
CA ALA B 200 -13.04 -1.14 -6.74
C ALA B 200 -12.37 -2.00 -7.80
N LEU B 201 -11.87 -1.36 -8.85
CA LEU B 201 -11.17 -2.08 -9.91
C LEU B 201 -9.88 -2.77 -9.39
N GLU B 202 -9.16 -2.10 -8.49
CA GLU B 202 -7.99 -2.71 -7.89
C GLU B 202 -8.39 -3.98 -7.14
N GLY B 203 -9.48 -3.89 -6.38
CA GLY B 203 -10.01 -5.01 -5.63
C GLY B 203 -10.42 -6.11 -6.59
N LEU B 204 -11.03 -5.73 -7.69
CA LEU B 204 -11.41 -6.72 -8.67
C LEU B 204 -10.19 -7.49 -9.20
N THR B 205 -9.11 -6.75 -9.47
CA THR B 205 -7.85 -7.35 -9.95
C THR B 205 -7.31 -8.42 -9.01
N ARG B 206 -7.30 -8.12 -7.71
CA ARG B 206 -6.72 -9.04 -6.76
C ARG B 206 -7.65 -10.23 -6.55
N SER B 207 -8.95 -9.96 -6.40
CA SER B 207 -9.90 -11.01 -6.12
C SER B 207 -9.98 -11.95 -7.30
N ALA B 208 -10.04 -11.38 -8.49
CA ALA B 208 -10.10 -12.21 -9.68
C ALA B 208 -8.80 -13.03 -9.84
N ALA B 209 -7.63 -12.41 -9.63
CA ALA B 209 -6.39 -13.17 -9.83
C ALA B 209 -6.45 -14.45 -9.00
N LEU B 210 -6.88 -14.28 -7.76
CA LEU B 210 -6.94 -15.38 -6.80
C LEU B 210 -7.91 -16.48 -7.22
N GLU B 211 -9.11 -16.10 -7.60
CA GLU B 211 -10.17 -17.06 -7.87
C GLU B 211 -9.95 -17.75 -9.22
N LEU B 212 -9.31 -17.04 -10.16
CA LEU B 212 -9.11 -17.59 -11.49
C LEU B 212 -7.75 -18.26 -11.69
N ALA B 213 -6.89 -18.17 -10.69
CA ALA B 213 -5.60 -18.82 -10.72
C ALA B 213 -5.70 -20.28 -11.17
N PRO B 214 -6.66 -21.05 -10.62
CA PRO B 214 -6.83 -22.45 -11.02
C PRO B 214 -7.08 -22.68 -12.52
N LEU B 215 -7.66 -21.73 -13.25
CA LEU B 215 -7.86 -21.85 -14.67
C LEU B 215 -6.69 -21.26 -15.39
N GLN B 216 -5.66 -20.93 -14.64
CA GLN B 216 -4.45 -20.35 -15.23
C GLN B 216 -4.73 -19.03 -15.97
N ILE B 217 -5.73 -18.31 -15.49
CA ILE B 217 -6.08 -16.99 -16.01
C ILE B 217 -5.44 -15.95 -15.08
N ARG B 218 -4.47 -15.24 -15.63
CA ARG B 218 -3.79 -14.16 -14.94
C ARG B 218 -4.58 -12.85 -15.02
N VAL B 219 -4.58 -12.11 -13.91
CA VAL B 219 -5.29 -10.86 -13.85
C VAL B 219 -4.39 -9.86 -13.19
N ASN B 220 -4.02 -8.82 -13.95
CA ASN B 220 -3.16 -7.76 -13.47
C ASN B 220 -3.71 -6.37 -13.78
N GLY B 221 -3.09 -5.36 -13.20
CA GLY B 221 -3.49 -4.01 -13.44
C GLY B 221 -2.33 -3.17 -13.93
N VAL B 222 -2.62 -2.18 -14.77
CA VAL B 222 -1.68 -1.22 -15.26
C VAL B 222 -2.26 0.15 -14.91
N GLY B 223 -1.47 0.96 -14.21
CA GLY B 223 -1.93 2.26 -13.75
C GLY B 223 -1.13 3.41 -14.32
N PRO B 224 -1.66 4.09 -15.34
CA PRO B 224 -0.99 5.29 -15.84
C PRO B 224 -1.05 6.44 -14.81
N GLY B 225 -0.20 7.43 -15.02
CA GLY B 225 -0.18 8.62 -14.21
C GLY B 225 -0.81 9.71 -15.05
N LEU B 226 0.02 10.34 -15.87
CA LEU B 226 -0.48 11.30 -16.87
C LEU B 226 -0.08 10.80 -18.25
N SER B 227 -1.08 10.45 -19.07
CA SER B 227 -0.84 10.00 -20.43
C SER B 227 -1.68 10.78 -21.43
N VAL B 228 -1.01 11.30 -22.47
CA VAL B 228 -1.64 12.10 -23.51
C VAL B 228 -2.64 13.02 -22.84
N LEU B 229 -2.09 13.91 -22.01
CA LEU B 229 -2.85 14.79 -21.14
C LEU B 229 -3.73 15.73 -21.94
N VAL B 230 -5.04 15.70 -21.68
CA VAL B 230 -5.98 16.64 -22.32
C VAL B 230 -5.50 18.09 -22.11
N ASP B 231 -5.39 18.82 -23.21
CA ASP B 231 -4.82 20.18 -23.23
C ASP B 231 -5.86 21.31 -23.36
N ASP B 232 -7.04 21.09 -22.78
CA ASP B 232 -8.15 22.05 -22.80
C ASP B 232 -8.01 23.09 -21.67
N MET B 233 -6.95 23.88 -21.75
CA MET B 233 -6.60 24.85 -20.72
C MET B 233 -5.48 25.78 -21.23
N PRO B 234 -5.18 26.87 -20.53
CA PRO B 234 -4.01 27.68 -20.91
C PRO B 234 -2.76 26.82 -21.07
N PRO B 235 -1.94 27.07 -22.10
CA PRO B 235 -0.67 26.35 -22.26
C PRO B 235 0.14 26.34 -20.94
N ALA B 236 0.32 27.50 -20.29
CA ALA B 236 1.07 27.48 -19.05
C ALA B 236 0.49 26.47 -18.06
N VAL B 237 -0.83 26.44 -17.90
CA VAL B 237 -1.43 25.58 -16.88
C VAL B 237 -1.12 24.13 -17.25
N TRP B 238 -1.24 23.81 -18.54
CA TRP B 238 -0.94 22.49 -19.07
C TRP B 238 0.53 22.13 -18.85
N GLU B 239 1.43 23.08 -19.12
CA GLU B 239 2.87 22.91 -18.89
C GLU B 239 3.22 22.68 -17.40
N GLY B 240 2.60 23.45 -16.50
CA GLY B 240 2.76 23.28 -15.07
C GLY B 240 2.39 21.88 -14.62
N HIS B 241 1.23 21.41 -15.07
CA HIS B 241 0.77 20.10 -14.70
C HIS B 241 1.78 19.03 -15.10
N ARG B 242 2.05 18.87 -16.39
CA ARG B 242 3.02 17.86 -16.82
C ARG B 242 4.43 18.06 -16.25
N SER B 243 4.83 19.30 -16.02
CA SER B 243 6.14 19.56 -15.47
C SER B 243 6.32 18.95 -14.09
N LYS B 244 5.24 18.59 -13.41
CA LYS B 244 5.28 17.89 -12.13
C LYS B 244 5.79 16.44 -12.19
N VAL B 245 5.69 15.76 -13.32
CA VAL B 245 6.19 14.39 -13.47
C VAL B 245 7.71 14.38 -13.38
N PRO B 246 8.28 13.71 -12.38
CA PRO B 246 9.75 13.73 -12.22
C PRO B 246 10.51 13.18 -13.43
N LEU B 247 10.17 12.01 -13.94
CA LEU B 247 10.81 11.50 -15.14
C LEU B 247 10.33 12.21 -16.46
N TYR B 248 11.23 12.95 -17.10
CA TYR B 248 10.98 13.69 -18.35
C TYR B 248 10.14 14.94 -18.24
N GLN B 249 9.54 15.18 -17.07
CA GLN B 249 8.69 16.37 -16.86
C GLN B 249 7.63 16.50 -17.95
N ARG B 250 6.99 15.38 -18.27
CA ARG B 250 5.94 15.37 -19.27
C ARG B 250 5.02 14.19 -19.04
N ASP B 251 3.79 14.30 -19.55
CA ASP B 251 2.90 13.16 -19.59
C ASP B 251 3.48 12.11 -20.56
N SER B 252 3.01 10.88 -20.46
CA SER B 252 3.49 9.84 -21.36
C SER B 252 2.74 9.75 -22.70
N SER B 253 3.34 9.07 -23.66
CA SER B 253 2.67 8.75 -24.91
C SER B 253 1.78 7.53 -24.66
N ALA B 254 0.88 7.24 -25.58
CA ALA B 254 0.06 6.05 -25.44
C ALA B 254 0.91 4.76 -25.49
N ALA B 255 1.93 4.77 -26.36
CA ALA B 255 2.74 3.59 -26.53
C ALA B 255 3.51 3.25 -25.24
N GLU B 256 3.98 4.29 -24.53
CA GLU B 256 4.70 4.10 -23.27
C GLU B 256 3.84 3.39 -22.22
N VAL B 257 2.53 3.39 -22.41
CA VAL B 257 1.65 2.64 -21.54
C VAL B 257 1.27 1.30 -22.17
N SER B 258 0.87 1.30 -23.43
CA SER B 258 0.43 0.07 -24.10
C SER B 258 1.53 -1.03 -24.17
N ASP B 259 2.78 -0.62 -24.29
CA ASP B 259 3.85 -1.63 -24.30
C ASP B 259 3.91 -2.43 -22.99
N VAL B 260 3.66 -1.76 -21.87
CA VAL B 260 3.56 -2.45 -20.59
C VAL B 260 2.38 -3.43 -20.64
N VAL B 261 1.23 -2.96 -21.11
CA VAL B 261 0.07 -3.82 -21.19
C VAL B 261 0.39 -5.06 -22.00
N ILE B 262 1.01 -4.85 -23.18
CA ILE B 262 1.37 -5.93 -24.09
C ILE B 262 2.34 -6.92 -23.42
N PHE B 263 3.32 -6.36 -22.71
CA PHE B 263 4.26 -7.23 -22.02
C PHE B 263 3.55 -8.15 -21.01
N LEU B 264 2.66 -7.57 -20.22
CA LEU B 264 1.93 -8.34 -19.23
C LEU B 264 1.06 -9.43 -19.86
N CYS B 265 0.75 -9.27 -21.15
CA CYS B 265 0.00 -10.28 -21.88
C CYS B 265 0.90 -11.38 -22.49
N SER B 266 2.19 -11.10 -22.59
CA SER B 266 3.10 -12.08 -23.17
C SER B 266 3.38 -13.28 -22.24
N SER B 267 3.80 -14.39 -22.83
CA SER B 267 4.07 -15.59 -22.07
C SER B 267 5.28 -15.40 -21.17
N LYS B 268 6.07 -14.37 -21.43
CA LYS B 268 7.20 -14.08 -20.56
C LYS B 268 6.74 -13.59 -19.18
N ALA B 269 5.50 -13.12 -19.12
CA ALA B 269 4.91 -12.61 -17.87
C ALA B 269 3.98 -13.63 -17.18
N LYS B 270 4.12 -14.91 -17.54
CA LYS B 270 3.18 -15.94 -17.07
C LYS B 270 3.23 -16.29 -15.55
N TYR B 271 4.13 -15.66 -14.80
CA TYR B 271 4.15 -15.86 -13.34
C TYR B 271 3.63 -14.64 -12.58
N ILE B 272 3.36 -13.56 -13.30
CA ILE B 272 2.80 -12.35 -12.70
C ILE B 272 1.28 -12.41 -12.68
N THR B 273 0.69 -12.18 -11.50
CA THR B 273 -0.77 -12.09 -11.39
C THR B 273 -1.19 -11.38 -10.08
N GLY B 274 -2.32 -10.70 -10.13
CA GLY B 274 -2.78 -9.95 -8.97
C GLY B 274 -1.97 -8.70 -8.66
N THR B 275 -1.23 -8.19 -9.64
CA THR B 275 -0.41 -7.02 -9.39
C THR B 275 -0.79 -5.87 -10.29
N CYS B 276 -0.56 -4.66 -9.78
CA CYS B 276 -0.81 -3.45 -10.53
C CYS B 276 0.54 -2.79 -10.77
N VAL B 277 0.84 -2.45 -12.02
CA VAL B 277 2.11 -1.85 -12.40
C VAL B 277 1.92 -0.38 -12.73
N LYS B 278 2.59 0.48 -11.96
CA LYS B 278 2.51 1.92 -12.22
C LYS B 278 3.35 2.26 -13.45
N VAL B 279 2.78 3.12 -14.29
CA VAL B 279 3.45 3.67 -15.46
C VAL B 279 3.23 5.18 -15.39
N ASP B 280 3.93 5.82 -14.46
CA ASP B 280 3.63 7.18 -14.12
C ASP B 280 4.85 8.11 -14.08
N GLY B 281 5.98 7.62 -14.54
CA GLY B 281 7.20 8.40 -14.49
C GLY B 281 7.53 8.96 -13.12
N GLY B 282 7.12 8.25 -12.08
CA GLY B 282 7.39 8.67 -10.71
C GLY B 282 6.49 9.73 -10.12
N TYR B 283 5.39 10.04 -10.83
CA TYR B 283 4.50 11.09 -10.36
C TYR B 283 3.92 10.78 -8.96
N SER B 284 3.63 9.49 -8.72
CA SER B 284 3.04 9.10 -7.45
C SER B 284 4.02 9.23 -6.29
N LEU B 285 5.31 9.41 -6.61
CA LEU B 285 6.30 9.66 -5.57
C LEU B 285 6.33 11.10 -5.07
N THR B 286 5.61 12.01 -5.74
CA THR B 286 5.65 13.43 -5.36
C THR B 286 4.69 13.80 -4.24
N ARG B 287 4.88 15.00 -3.70
CA ARG B 287 4.05 15.53 -2.63
C ARG B 287 3.82 17.01 -2.87
N ALA B 288 2.73 17.55 -2.35
CA ALA B 288 2.38 18.96 -2.57
C ALA B 288 3.44 19.86 -1.95
N VAL C 6 2.03 0.07 38.84
CA VAL C 6 2.53 1.28 38.12
C VAL C 6 3.48 0.84 36.99
N PRO C 7 3.03 1.06 35.76
CA PRO C 7 3.76 0.65 34.56
C PRO C 7 4.90 1.62 34.20
N VAL C 8 5.92 1.05 33.55
CA VAL C 8 7.10 1.78 33.13
C VAL C 8 7.14 1.93 31.61
N ALA C 9 7.60 3.09 31.15
CA ALA C 9 7.77 3.36 29.73
C ALA C 9 9.17 3.89 29.47
N LEU C 10 9.85 3.33 28.48
CA LEU C 10 11.13 3.83 28.02
C LEU C 10 10.91 4.60 26.70
N VAL C 11 11.34 5.86 26.68
CA VAL C 11 11.16 6.69 25.51
C VAL C 11 12.49 7.26 25.07
N THR C 12 12.98 6.81 23.91
CA THR C 12 14.23 7.32 23.38
C THR C 12 14.02 8.71 22.81
N GLY C 13 15.08 9.54 22.92
CA GLY C 13 15.03 10.91 22.44
C GLY C 13 13.90 11.66 23.08
N ALA C 14 13.76 11.48 24.39
CA ALA C 14 12.66 12.06 25.16
C ALA C 14 12.85 13.50 25.58
N ALA C 15 14.06 14.04 25.38
CA ALA C 15 14.42 15.38 25.85
C ALA C 15 13.50 16.53 25.40
N LYS C 16 13.03 16.50 24.15
CA LYS C 16 12.22 17.60 23.63
C LYS C 16 11.25 17.25 22.49
N ARG C 17 10.55 18.26 22.00
CA ARG C 17 9.67 18.09 20.87
C ARG C 17 8.72 16.91 21.03
N LEU C 18 8.61 16.03 20.03
CA LEU C 18 7.69 14.88 20.10
C LEU C 18 8.04 13.88 21.20
N GLY C 19 9.32 13.59 21.40
CA GLY C 19 9.76 12.70 22.44
C GLY C 19 9.32 13.19 23.81
N ARG C 20 9.45 14.48 24.04
CA ARG C 20 9.01 15.05 25.32
C ARG C 20 7.52 14.98 25.49
N SER C 21 6.78 15.34 24.44
CA SER C 21 5.33 15.24 24.48
C SER C 21 4.83 13.82 24.77
N ILE C 22 5.53 12.84 24.22
CA ILE C 22 5.15 11.46 24.43
C ILE C 22 5.36 11.05 25.89
N ALA C 23 6.51 11.42 26.44
CA ALA C 23 6.83 11.16 27.83
C ALA C 23 5.81 11.80 28.76
N GLU C 24 5.45 13.05 28.47
CA GLU C 24 4.50 13.77 29.29
C GLU C 24 3.15 13.07 29.23
N GLY C 25 2.76 12.63 28.03
CA GLY C 25 1.49 11.95 27.82
C GLY C 25 1.41 10.68 28.63
N LEU C 26 2.45 9.85 28.49
CA LEU C 26 2.53 8.60 29.20
C LEU C 26 2.55 8.83 30.71
N HIS C 27 3.29 9.85 31.13
CA HIS C 27 3.37 10.23 32.54
C HIS C 27 1.98 10.63 33.06
N ALA C 28 1.21 11.35 32.26
CA ALA C 28 -0.12 11.81 32.65
C ALA C 28 -1.08 10.63 32.83
N GLU C 29 -0.76 9.51 32.22
CA GLU C 29 -1.59 8.32 32.34
C GLU C 29 -1.12 7.45 33.50
N GLY C 30 -0.10 7.92 34.21
CA GLY C 30 0.43 7.22 35.36
C GLY C 30 1.70 6.41 35.16
N TYR C 31 2.26 6.42 33.95
CA TYR C 31 3.50 5.69 33.68
C TYR C 31 4.69 6.31 34.40
N ALA C 32 5.58 5.46 34.90
CA ALA C 32 6.90 5.90 35.31
C ALA C 32 7.69 5.94 33.99
N VAL C 33 8.47 6.99 33.80
CA VAL C 33 9.11 7.19 32.51
C VAL C 33 10.63 7.27 32.55
N CYS C 34 11.27 6.41 31.75
CA CYS C 34 12.70 6.47 31.54
C CYS C 34 12.97 7.27 30.28
N LEU C 35 13.49 8.49 30.48
CA LEU C 35 13.75 9.45 29.42
C LEU C 35 15.13 9.27 28.85
N HIS C 36 15.24 8.72 27.66
CA HIS C 36 16.57 8.60 27.02
C HIS C 36 16.94 9.90 26.33
N TYR C 37 18.23 10.19 26.29
CA TYR C 37 18.73 11.36 25.58
C TYR C 37 20.17 11.10 25.08
N HIS C 38 20.56 11.86 24.05
CA HIS C 38 21.90 11.76 23.50
C HIS C 38 22.72 12.97 23.88
N ARG C 39 22.33 14.12 23.38
CA ARG C 39 23.05 15.36 23.66
C ARG C 39 22.25 16.31 24.56
N SER C 40 20.93 16.18 24.57
CA SER C 40 20.11 17.13 25.31
C SER C 40 20.03 16.82 26.80
N ALA C 41 21.17 16.80 27.48
CA ALA C 41 21.20 16.47 28.90
C ALA C 41 20.44 17.47 29.78
N ALA C 42 20.68 18.76 29.57
CA ALA C 42 19.98 19.79 30.30
C ALA C 42 18.46 19.68 30.18
N GLU C 43 17.97 19.46 28.96
CA GLU C 43 16.52 19.46 28.70
C GLU C 43 15.91 18.20 29.27
N ALA C 44 16.70 17.12 29.21
CA ALA C 44 16.30 15.82 29.74
C ALA C 44 16.14 15.89 31.26
N ASN C 45 17.18 16.35 31.95
CA ASN C 45 17.13 16.53 33.40
C ASN C 45 16.04 17.51 33.88
N ALA C 46 15.77 18.55 33.09
CA ALA C 46 14.75 19.53 33.44
C ALA C 46 13.39 18.86 33.43
N LEU C 47 13.18 18.02 32.42
CA LEU C 47 11.93 17.32 32.27
C LEU C 47 11.71 16.31 33.40
N SER C 48 12.75 15.52 33.69
CA SER C 48 12.72 14.58 34.80
C SER C 48 12.32 15.27 36.11
N ALA C 49 12.94 16.43 36.36
CA ALA C 49 12.65 17.21 37.55
C ALA C 49 11.17 17.56 37.58
N THR C 50 10.65 18.05 36.46
CA THR C 50 9.24 18.40 36.40
C THR C 50 8.37 17.18 36.71
N LEU C 51 8.67 16.05 36.09
CA LEU C 51 7.85 14.85 36.30
C LEU C 51 8.00 14.32 37.72
N ASN C 52 9.23 14.21 38.20
CA ASN C 52 9.48 13.78 39.58
C ASN C 52 8.87 14.71 40.61
N ALA C 53 8.78 15.99 40.27
CA ALA C 53 8.14 16.98 41.14
C ALA C 53 6.65 16.73 41.25
N ARG C 54 5.99 16.47 40.12
CA ARG C 54 4.57 16.10 40.14
C ARG C 54 4.31 14.79 40.87
N ARG C 55 5.17 13.79 40.68
CA ARG C 55 4.97 12.45 41.25
C ARG C 55 6.34 11.83 41.55
N PRO C 56 6.66 11.70 42.83
CA PRO C 56 7.98 11.21 43.26
C PRO C 56 8.40 9.90 42.61
N ASN C 57 9.66 9.83 42.18
CA ASN C 57 10.21 8.63 41.54
C ASN C 57 9.43 8.12 40.30
N SER C 58 9.00 9.05 39.47
CA SER C 58 8.23 8.71 38.29
C SER C 58 9.03 8.98 37.01
N ALA C 59 10.31 9.34 37.16
CA ALA C 59 11.15 9.66 36.02
C ALA C 59 12.64 9.47 36.27
N ILE C 60 13.34 9.00 35.25
CA ILE C 60 14.79 8.90 35.29
C ILE C 60 15.34 9.29 33.90
N THR C 61 16.65 9.49 33.79
CA THR C 61 17.24 9.85 32.51
C THR C 61 18.44 8.96 32.20
N VAL C 62 18.61 8.60 30.93
CA VAL C 62 19.73 7.76 30.54
C VAL C 62 20.33 8.25 29.24
N GLN C 63 21.64 8.43 29.23
CA GLN C 63 22.32 8.94 28.05
C GLN C 63 22.78 7.78 27.16
N ALA C 64 22.64 7.94 25.84
CA ALA C 64 23.15 6.94 24.90
C ALA C 64 23.17 7.40 23.44
N ASP C 65 24.28 7.13 22.77
CA ASP C 65 24.40 7.37 21.34
C ASP C 65 23.88 6.11 20.68
N LEU C 66 22.82 6.26 19.89
CA LEU C 66 22.17 5.11 19.26
C LEU C 66 22.68 4.87 17.84
N SER C 67 23.65 5.67 17.45
CA SER C 67 24.32 5.45 16.17
C SER C 67 25.01 4.07 16.17
N ASN C 68 24.94 3.37 15.05
CA ASN C 68 25.52 2.04 14.95
C ASN C 68 27.06 2.04 14.98
N VAL C 69 27.61 2.51 16.10
CA VAL C 69 29.06 2.57 16.29
C VAL C 69 29.47 2.17 17.71
N ALA C 70 30.72 1.72 17.88
CA ALA C 70 31.18 1.42 19.23
C ALA C 70 31.56 2.71 19.97
N THR C 71 31.47 2.67 21.29
CA THR C 71 31.95 3.78 22.12
C THR C 71 32.95 3.27 23.21
N ALA C 72 33.02 3.99 24.35
CA ALA C 72 33.80 3.57 25.53
C ALA C 72 33.62 4.57 26.67
N PRO C 82 35.69 -2.02 23.57
CA PRO C 82 34.69 -1.08 23.06
C PRO C 82 33.26 -1.57 23.25
N VAL C 83 32.35 -0.64 23.53
CA VAL C 83 30.96 -0.99 23.78
C VAL C 83 30.20 -0.95 22.46
N THR C 84 29.56 -2.08 22.11
CA THR C 84 28.73 -2.16 20.90
C THR C 84 27.35 -1.54 21.13
N LEU C 85 26.70 -1.12 20.03
CA LEU C 85 25.36 -0.54 20.06
C LEU C 85 24.37 -1.46 20.76
N PHE C 86 24.46 -2.77 20.49
CA PHE C 86 23.56 -3.73 21.12
C PHE C 86 23.66 -3.66 22.64
N THR C 87 24.90 -3.61 23.15
CA THR C 87 25.13 -3.52 24.58
C THR C 87 24.50 -2.26 25.13
N ARG C 88 24.79 -1.11 24.53
CA ARG C 88 24.22 0.14 24.99
C ARG C 88 22.69 0.06 25.03
N CYS C 89 22.09 -0.60 24.04
CA CYS C 89 20.64 -0.78 23.98
C CYS C 89 20.12 -1.64 25.11
N ALA C 90 20.75 -2.80 25.31
CA ALA C 90 20.39 -3.69 26.42
C ALA C 90 20.43 -2.91 27.75
N GLU C 91 21.43 -2.04 27.90
CA GLU C 91 21.60 -1.27 29.13
C GLU C 91 20.47 -0.28 29.35
N LEU C 92 19.91 0.26 28.27
CA LEU C 92 18.78 1.17 28.40
C LEU C 92 17.58 0.43 28.96
N VAL C 93 17.32 -0.75 28.43
CA VAL C 93 16.21 -1.57 28.90
C VAL C 93 16.48 -2.06 30.34
N ALA C 94 17.72 -2.46 30.60
CA ALA C 94 18.13 -2.89 31.94
C ALA C 94 17.92 -1.79 32.97
N ALA C 95 18.25 -0.57 32.61
CA ALA C 95 18.07 0.58 33.49
C ALA C 95 16.64 0.64 34.02
N CYS C 96 15.67 0.20 33.22
CA CYS C 96 14.27 0.25 33.61
C CYS C 96 14.00 -0.83 34.63
N TYR C 97 14.49 -2.04 34.34
CA TYR C 97 14.28 -3.15 35.26
C TYR C 97 15.06 -2.98 36.58
N THR C 98 16.25 -2.37 36.50
CA THR C 98 17.07 -2.10 37.68
C THR C 98 16.37 -1.09 38.61
N HIS C 99 15.82 -0.03 38.05
CA HIS C 99 15.26 1.01 38.87
C HIS C 99 13.85 0.73 39.34
N TRP C 100 13.02 0.19 38.47
CA TRP C 100 11.60 0.01 38.78
C TRP C 100 11.19 -1.46 38.71
N GLY C 101 12.11 -2.31 38.26
CA GLY C 101 11.79 -3.72 38.12
C GLY C 101 10.84 -4.07 36.99
N ARG C 102 10.72 -3.20 36.00
CA ARG C 102 9.86 -3.49 34.85
C ARG C 102 10.00 -2.53 33.68
N CYS C 103 9.53 -2.98 32.52
CA CYS C 103 9.46 -2.13 31.35
C CYS C 103 8.28 -2.58 30.53
N ASP C 104 7.18 -1.83 30.61
CA ASP C 104 5.95 -2.20 29.90
C ASP C 104 5.86 -1.62 28.49
N VAL C 105 6.36 -0.41 28.29
CA VAL C 105 6.22 0.28 27.03
C VAL C 105 7.58 0.76 26.52
N LEU C 106 7.81 0.57 25.23
CA LEU C 106 8.99 1.09 24.54
C LEU C 106 8.54 1.95 23.38
N VAL C 107 9.13 3.15 23.29
CA VAL C 107 8.84 4.08 22.21
C VAL C 107 10.13 4.48 21.51
N ASN C 108 10.31 3.93 20.32
CA ASN C 108 11.47 4.24 19.49
C ASN C 108 11.22 5.54 18.76
N ASN C 109 11.60 6.63 19.41
CA ASN C 109 11.34 7.98 18.93
C ASN C 109 12.60 8.69 18.43
N ALA C 110 13.75 8.38 19.04
CA ALA C 110 15.00 9.04 18.66
C ALA C 110 15.30 8.86 17.18
N SER C 111 15.79 9.92 16.55
CA SER C 111 15.94 9.96 15.11
C SER C 111 16.88 11.06 14.60
N SER C 112 17.90 10.65 13.85
CA SER C 112 18.73 11.65 13.19
C SER C 112 18.17 11.89 11.76
N PHE C 113 18.27 13.14 11.30
CA PHE C 113 17.61 13.57 10.06
C PHE C 113 18.44 14.66 9.37
N TYR C 114 19.15 14.28 8.29
CA TYR C 114 19.93 15.24 7.49
C TYR C 114 20.21 14.64 6.12
N PRO C 115 20.58 15.49 5.15
CA PRO C 115 20.76 15.06 3.74
C PRO C 115 21.86 14.04 3.49
N THR C 116 21.58 13.13 2.55
CA THR C 116 22.59 12.24 2.00
C THR C 116 22.34 12.21 0.50
N PRO C 117 22.70 13.28 -0.18
CA PRO C 117 22.42 13.43 -1.62
C PRO C 117 23.10 12.33 -2.43
N LEU C 118 22.43 11.87 -3.48
CA LEU C 118 23.04 10.91 -4.39
C LEU C 118 23.88 11.66 -5.40
N LEU C 119 23.49 12.91 -5.66
CA LEU C 119 24.11 13.82 -6.63
C LEU C 119 24.61 15.11 -6.00
N ARG C 120 25.80 15.55 -6.42
CA ARG C 120 26.40 16.84 -6.05
C ARG C 120 25.41 18.00 -6.27
N ASP C 132 34.73 13.57 2.64
CA ASP C 132 33.49 12.86 2.31
C ASP C 132 33.62 11.34 2.52
N ARG C 133 34.82 10.88 2.83
CA ARG C 133 35.11 9.44 2.95
C ARG C 133 34.41 8.85 4.16
N GLU C 134 34.77 9.38 5.34
CA GLU C 134 34.17 8.95 6.60
C GLU C 134 32.95 9.77 6.96
N ALA C 135 32.72 10.85 6.21
CA ALA C 135 31.53 11.68 6.39
C ALA C 135 30.26 10.85 6.11
N MET C 136 30.28 10.10 5.01
CA MET C 136 29.24 9.13 4.68
C MET C 136 29.24 7.90 5.61
N GLU C 137 30.42 7.50 6.10
CA GLU C 137 30.55 6.43 7.11
C GLU C 137 29.76 6.74 8.39
N THR C 138 29.99 7.89 9.01
CA THR C 138 29.27 8.23 10.25
C THR C 138 27.81 8.53 10.00
N ALA C 139 27.51 9.08 8.82
CA ALA C 139 26.14 9.38 8.42
C ALA C 139 25.35 8.07 8.29
N THR C 140 25.97 7.10 7.63
CA THR C 140 25.36 5.79 7.46
C THR C 140 25.02 5.19 8.81
N ALA C 141 25.99 5.15 9.72
CA ALA C 141 25.79 4.50 11.00
C ALA C 141 24.85 5.31 11.92
N ASP C 142 24.88 6.63 11.79
CA ASP C 142 24.05 7.47 12.63
C ASP C 142 22.58 7.43 12.21
N LEU C 143 22.33 7.69 10.92
CA LEU C 143 20.98 7.63 10.37
C LEU C 143 20.36 6.26 10.52
N PHE C 144 21.09 5.22 10.12
CA PHE C 144 20.59 3.86 10.23
C PHE C 144 20.50 3.34 11.67
N GLY C 145 21.46 3.70 12.51
CA GLY C 145 21.46 3.27 13.90
C GLY C 145 20.26 3.82 14.64
N SER C 146 20.13 5.15 14.67
CA SER C 146 19.06 5.78 15.42
C SER C 146 17.65 5.38 14.93
N ASN C 147 17.45 5.43 13.62
CA ASN C 147 16.16 5.15 12.99
C ASN C 147 15.77 3.67 12.81
N ALA C 148 16.72 2.74 12.86
CA ALA C 148 16.40 1.35 12.58
C ALA C 148 17.16 0.31 13.41
N ILE C 149 18.48 0.40 13.44
CA ILE C 149 19.26 -0.63 14.10
C ILE C 149 19.13 -0.57 15.62
N ALA C 150 19.23 0.63 16.20
CA ALA C 150 18.99 0.77 17.65
C ALA C 150 17.62 0.23 18.05
N PRO C 151 16.55 0.66 17.36
CA PRO C 151 15.21 0.14 17.63
C PRO C 151 15.15 -1.38 17.56
N TYR C 152 15.91 -1.97 16.65
CA TYR C 152 15.90 -3.42 16.52
C TYR C 152 16.45 -4.08 17.78
N PHE C 153 17.64 -3.65 18.19
CA PHE C 153 18.26 -4.14 19.41
C PHE C 153 17.46 -3.84 20.68
N LEU C 154 16.87 -2.66 20.73
CA LEU C 154 16.04 -2.28 21.85
C LEU C 154 14.87 -3.26 21.96
N ILE C 155 14.22 -3.54 20.83
CA ILE C 155 13.08 -4.44 20.83
C ILE C 155 13.50 -5.82 21.28
N LYS C 156 14.67 -6.26 20.79
CA LYS C 156 15.21 -7.55 21.18
C LYS C 156 15.39 -7.62 22.70
N ALA C 157 16.08 -6.62 23.25
CA ALA C 157 16.34 -6.54 24.67
C ALA C 157 15.02 -6.52 25.46
N PHE C 158 14.10 -5.64 25.05
CA PHE C 158 12.76 -5.59 25.63
C PHE C 158 12.07 -6.98 25.60
N ALA C 159 12.08 -7.61 24.43
CA ALA C 159 11.44 -8.92 24.24
C ALA C 159 12.07 -9.99 25.14
N HIS C 160 13.39 -9.92 25.26
CA HIS C 160 14.17 -10.86 26.06
C HIS C 160 13.80 -10.76 27.57
N ARG C 161 13.67 -9.54 28.09
CA ARG C 161 13.29 -9.37 29.49
C ARG C 161 11.89 -9.86 29.81
N VAL C 162 10.94 -9.68 28.89
CA VAL C 162 9.57 -10.18 29.05
C VAL C 162 9.58 -11.72 29.06
N ALA C 163 10.23 -12.30 28.06
CA ALA C 163 10.36 -13.75 27.95
C ALA C 163 11.03 -14.35 29.20
N GLY C 164 12.01 -13.63 29.75
CA GLY C 164 12.69 -14.08 30.94
C GLY C 164 11.88 -13.85 32.20
N THR C 165 10.74 -13.16 32.09
CA THR C 165 9.84 -12.95 33.24
C THR C 165 8.84 -14.10 33.30
N PRO C 166 8.68 -14.75 34.47
CA PRO C 166 7.68 -15.82 34.61
C PRO C 166 6.28 -15.30 34.30
N ALA C 167 5.53 -16.10 33.54
CA ALA C 167 4.22 -15.70 33.06
C ALA C 167 3.36 -15.00 34.13
N LYS C 168 3.30 -15.56 35.33
CA LYS C 168 2.45 -14.98 36.38
C LYS C 168 2.84 -13.54 36.75
N HIS C 169 4.10 -13.15 36.54
CA HIS C 169 4.57 -11.82 36.95
C HIS C 169 4.66 -10.82 35.78
N ARG C 170 4.23 -11.22 34.57
CA ARG C 170 4.32 -10.37 33.39
C ARG C 170 3.27 -9.29 33.45
N GLY C 171 3.53 -8.16 32.82
CA GLY C 171 2.52 -7.12 32.73
C GLY C 171 1.36 -7.56 31.85
N THR C 172 0.33 -6.74 31.75
CA THR C 172 -0.83 -7.15 30.98
C THR C 172 -1.05 -6.25 29.77
N ASN C 173 -0.11 -5.36 29.52
CA ASN C 173 -0.25 -4.42 28.42
C ASN C 173 1.11 -3.94 27.89
N TYR C 174 1.84 -4.86 27.28
CA TYR C 174 3.15 -4.56 26.67
C TYR C 174 2.95 -3.94 25.31
N SER C 175 3.58 -2.79 25.10
CA SER C 175 3.39 -2.03 23.88
C SER C 175 4.66 -1.33 23.40
N ILE C 176 5.01 -1.62 22.14
CA ILE C 176 6.13 -0.96 21.48
C ILE C 176 5.65 -0.08 20.33
N ILE C 177 6.09 1.17 20.31
CA ILE C 177 5.70 2.13 19.28
C ILE C 177 6.94 2.61 18.55
N ASN C 178 6.92 2.46 17.24
CA ASN C 178 7.98 2.96 16.39
C ASN C 178 7.55 4.23 15.71
N MET C 179 8.34 5.28 15.82
CA MET C 179 8.01 6.55 15.16
C MET C 179 8.49 6.45 13.71
N VAL C 180 7.53 6.29 12.80
CA VAL C 180 7.84 6.22 11.38
C VAL C 180 7.57 7.58 10.73
N ASP C 181 7.39 7.59 9.41
CA ASP C 181 7.19 8.82 8.67
C ASP C 181 6.06 8.61 7.68
N ALA C 182 4.99 9.39 7.83
CA ALA C 182 3.88 9.28 6.88
C ALA C 182 4.26 9.64 5.43
N MET C 183 5.32 10.43 5.26
CA MET C 183 5.70 10.95 3.95
C MET C 183 6.80 10.20 3.18
N THR C 184 7.44 9.20 3.80
CA THR C 184 8.56 8.52 3.14
C THR C 184 8.28 7.80 1.82
N ASN C 185 7.02 7.49 1.53
CA ASN C 185 6.65 6.98 0.21
C ASN C 185 6.58 8.09 -0.84
N GLN C 186 6.64 9.32 -0.38
CA GLN C 186 6.80 10.45 -1.27
C GLN C 186 8.11 11.14 -0.86
N PRO C 187 9.24 10.47 -1.13
CA PRO C 187 10.56 10.85 -0.63
C PRO C 187 10.93 12.32 -0.74
N LEU C 188 11.54 12.81 0.32
CA LEU C 188 12.07 14.15 0.31
C LEU C 188 13.39 14.10 -0.47
N LEU C 189 13.47 14.92 -1.50
CA LEU C 189 14.66 14.96 -2.36
C LEU C 189 15.94 15.14 -1.54
N GLY C 190 16.86 14.18 -1.63
CA GLY C 190 18.15 14.32 -1.00
C GLY C 190 18.33 13.54 0.29
N TYR C 191 17.26 12.87 0.73
CA TYR C 191 17.30 12.22 2.04
C TYR C 191 17.29 10.70 1.99
N THR C 192 17.90 10.15 0.95
CA THR C 192 17.80 8.73 0.70
C THR C 192 18.07 7.82 1.92
N ILE C 193 19.15 8.05 2.66
CA ILE C 193 19.49 7.16 3.77
C ILE C 193 18.48 7.23 4.91
N TYR C 194 18.03 8.44 5.22
CA TYR C 194 16.98 8.59 6.22
C TYR C 194 15.72 7.81 5.77
N THR C 195 15.37 7.98 4.50
CA THR C 195 14.15 7.39 3.97
C THR C 195 14.30 5.88 4.02
N MET C 196 15.52 5.42 3.81
CA MET C 196 15.78 3.99 3.76
C MET C 196 15.63 3.43 5.15
N ALA C 197 16.19 4.15 6.13
CA ALA C 197 16.10 3.74 7.54
C ALA C 197 14.63 3.69 8.01
N LYS C 198 13.84 4.68 7.63
CA LYS C 198 12.40 4.61 7.97
C LYS C 198 11.71 3.40 7.36
N GLY C 199 12.09 3.07 6.12
CA GLY C 199 11.55 1.90 5.43
C GLY C 199 11.93 0.67 6.21
N ALA C 200 13.15 0.64 6.74
CA ALA C 200 13.57 -0.50 7.56
C ALA C 200 12.76 -0.58 8.83
N LEU C 201 12.53 0.57 9.45
CA LEU C 201 11.72 0.64 10.67
C LEU C 201 10.29 0.09 10.45
N GLU C 202 9.66 0.43 9.31
CA GLU C 202 8.33 -0.14 8.99
C GLU C 202 8.39 -1.67 8.94
N GLY C 203 9.43 -2.19 8.29
CA GLY C 203 9.65 -3.62 8.21
C GLY C 203 9.84 -4.21 9.60
N LEU C 204 10.53 -3.47 10.47
CA LEU C 204 10.79 -3.94 11.82
C LEU C 204 9.47 -4.03 12.57
N THR C 205 8.62 -3.02 12.37
CA THR C 205 7.30 -2.99 12.99
C THR C 205 6.48 -4.24 12.68
N ARG C 206 6.47 -4.64 11.41
CA ARG C 206 5.64 -5.77 11.00
C ARG C 206 6.26 -7.08 11.47
N SER C 207 7.56 -7.20 11.28
CA SER C 207 8.25 -8.43 11.62
C SER C 207 8.19 -8.69 13.12
N ALA C 208 8.44 -7.63 13.90
CA ALA C 208 8.35 -7.71 15.36
C ALA C 208 6.93 -8.00 15.84
N ALA C 209 5.93 -7.32 15.29
CA ALA C 209 4.55 -7.62 15.70
C ALA C 209 4.24 -9.10 15.59
N LEU C 210 4.63 -9.68 14.46
CA LEU C 210 4.37 -11.08 14.19
C LEU C 210 5.09 -12.03 15.16
N GLU C 211 6.38 -11.80 15.35
CA GLU C 211 7.23 -12.69 16.16
C GLU C 211 6.97 -12.55 17.65
N LEU C 212 6.60 -11.35 18.09
CA LEU C 212 6.29 -11.10 19.49
C LEU C 212 4.84 -11.28 19.89
N ALA C 213 3.95 -11.47 18.91
CA ALA C 213 2.53 -11.74 19.20
C ALA C 213 2.36 -12.78 20.29
N PRO C 214 3.08 -13.91 20.24
CA PRO C 214 2.95 -14.94 21.28
C PRO C 214 3.24 -14.46 22.71
N LEU C 215 4.08 -13.44 22.90
CA LEU C 215 4.30 -12.89 24.25
C LEU C 215 3.30 -11.78 24.55
N GLN C 216 2.30 -11.64 23.69
CA GLN C 216 1.31 -10.57 23.79
C GLN C 216 1.95 -9.21 23.80
N ILE C 217 3.06 -9.05 23.08
CA ILE C 217 3.69 -7.74 22.92
C ILE C 217 3.24 -7.13 21.59
N ARG C 218 2.55 -6.01 21.65
CA ARG C 218 2.08 -5.34 20.46
C ARG C 218 3.14 -4.37 19.94
N VAL C 219 3.29 -4.33 18.63
CA VAL C 219 4.26 -3.46 17.99
C VAL C 219 3.59 -2.72 16.85
N ASN C 220 3.50 -1.41 16.99
CA ASN C 220 2.86 -0.57 16.00
C ASN C 220 3.72 0.63 15.63
N GLY C 221 3.23 1.40 14.68
CA GLY C 221 3.98 2.56 14.23
C GLY C 221 3.09 3.77 14.15
N VAL C 222 3.69 4.92 14.39
CA VAL C 222 3.01 6.19 14.25
C VAL C 222 3.86 7.05 13.32
N GLY C 223 3.24 7.53 12.24
CA GLY C 223 3.93 8.32 11.25
C GLY C 223 3.44 9.76 11.13
N PRO C 224 4.18 10.70 11.72
CA PRO C 224 3.85 12.11 11.54
C PRO C 224 4.06 12.53 10.09
N GLY C 225 3.47 13.66 9.72
CA GLY C 225 3.69 14.27 8.42
C GLY C 225 4.62 15.45 8.68
N LEU C 226 4.02 16.59 9.01
CA LEU C 226 4.75 17.77 9.46
C LEU C 226 4.29 18.12 10.88
N SER C 227 5.24 18.04 11.83
CA SER C 227 4.99 18.34 13.24
C SER C 227 6.03 19.24 13.84
N VAL C 228 5.56 20.26 14.58
CA VAL C 228 6.41 21.24 15.28
C VAL C 228 7.60 21.70 14.46
N LEU C 229 7.34 22.36 13.33
CA LEU C 229 8.40 22.75 12.39
C LEU C 229 9.43 23.73 12.96
N VAL C 230 10.70 23.48 12.66
CA VAL C 230 11.88 24.27 13.07
C VAL C 230 11.72 25.80 12.86
N ASP C 231 11.87 26.26 11.60
CA ASP C 231 11.72 27.67 11.12
C ASP C 231 12.92 28.62 11.33
N GLY C 240 4.04 28.48 4.14
CA GLY C 240 5.33 27.99 3.68
C GLY C 240 5.20 26.58 3.17
N HIS C 241 5.75 25.62 3.92
CA HIS C 241 5.55 24.18 3.68
C HIS C 241 4.22 23.70 4.30
N ARG C 242 3.85 24.36 5.39
CA ARG C 242 2.65 24.07 6.16
C ARG C 242 1.37 24.40 5.41
N SER C 243 1.42 25.43 4.56
CA SER C 243 0.23 25.81 3.78
C SER C 243 -0.20 24.68 2.86
N LYS C 244 0.68 23.70 2.70
CA LYS C 244 0.46 22.51 1.88
C LYS C 244 -0.36 21.41 2.56
N VAL C 245 -0.48 21.48 3.88
CA VAL C 245 -1.25 20.48 4.59
C VAL C 245 -2.73 20.75 4.41
N PRO C 246 -3.44 19.76 3.87
CA PRO C 246 -4.87 19.89 3.56
C PRO C 246 -5.64 20.24 4.81
N LEU C 247 -5.35 19.56 5.90
CA LEU C 247 -6.13 19.74 7.10
C LEU C 247 -5.50 20.83 7.94
N TYR C 248 -6.23 21.93 8.09
CA TYR C 248 -5.81 23.10 8.86
C TYR C 248 -4.70 23.95 8.20
N GLN C 249 -4.09 23.43 7.12
CA GLN C 249 -3.05 24.14 6.40
C GLN C 249 -1.98 24.56 7.39
N ARG C 250 -1.61 23.62 8.26
CA ARG C 250 -0.49 23.85 9.16
C ARG C 250 0.13 22.53 9.59
N ASP C 251 1.37 22.59 10.05
CA ASP C 251 2.00 21.44 10.72
C ASP C 251 1.28 21.17 12.05
N SER C 252 1.48 19.98 12.60
CA SER C 252 0.79 19.64 13.83
C SER C 252 1.57 20.04 15.08
N SER C 253 0.85 20.12 16.19
CA SER C 253 1.50 20.28 17.49
C SER C 253 2.04 18.93 17.93
N ALA C 254 2.92 18.93 18.93
CA ALA C 254 3.46 17.67 19.43
C ALA C 254 2.33 16.81 20.04
N ALA C 255 1.41 17.44 20.77
CA ALA C 255 0.31 16.74 21.42
C ALA C 255 -0.58 15.99 20.40
N GLU C 256 -0.85 16.63 19.27
CA GLU C 256 -1.64 16.00 18.21
C GLU C 256 -1.01 14.68 17.70
N VAL C 257 0.28 14.48 17.97
CA VAL C 257 0.94 13.23 17.62
C VAL C 257 1.05 12.30 18.83
N SER C 258 1.50 12.84 19.96
CA SER C 258 1.69 12.06 21.18
C SER C 258 0.39 11.40 21.68
N ASP C 259 -0.74 12.08 21.52
CA ASP C 259 -2.00 11.47 21.93
C ASP C 259 -2.30 10.17 21.19
N VAL C 260 -1.89 10.12 19.93
CA VAL C 260 -2.08 8.89 19.13
C VAL C 260 -1.17 7.77 19.69
N VAL C 261 0.08 8.15 19.97
CA VAL C 261 1.04 7.25 20.58
C VAL C 261 0.48 6.69 21.89
N ILE C 262 -0.06 7.59 22.72
CA ILE C 262 -0.58 7.22 24.01
C ILE C 262 -1.74 6.25 23.84
N PHE C 263 -2.66 6.59 22.93
CA PHE C 263 -3.81 5.74 22.71
C PHE C 263 -3.38 4.32 22.31
N LEU C 264 -2.44 4.22 21.37
CA LEU C 264 -1.93 2.92 20.96
C LEU C 264 -1.33 2.11 22.10
N CYS C 265 -0.89 2.81 23.15
CA CYS C 265 -0.34 2.15 24.33
C CYS C 265 -1.40 1.76 25.35
N SER C 266 -2.61 2.31 25.22
CA SER C 266 -3.70 1.98 26.15
C SER C 266 -4.27 0.60 25.89
N SER C 267 -4.89 0.02 26.91
CA SER C 267 -5.50 -1.30 26.83
C SER C 267 -6.73 -1.29 25.89
N LYS C 268 -7.26 -0.11 25.59
CA LYS C 268 -8.35 -0.02 24.61
C LYS C 268 -7.88 -0.37 23.20
N ALA C 269 -6.56 -0.37 22.98
CA ALA C 269 -5.94 -0.67 21.69
C ALA C 269 -5.27 -2.05 21.66
N LYS C 270 -5.66 -2.95 22.56
CA LYS C 270 -4.97 -4.24 22.67
C LYS C 270 -5.10 -5.22 21.50
N TYR C 271 -6.00 -4.95 20.56
CA TYR C 271 -6.14 -5.80 19.38
C TYR C 271 -5.39 -5.27 18.16
N ILE C 272 -4.81 -4.08 18.29
CA ILE C 272 -4.01 -3.48 17.22
C ILE C 272 -2.54 -3.85 17.30
N THR C 273 -1.98 -4.36 16.20
CA THR C 273 -0.56 -4.68 16.14
C THR C 273 -0.06 -4.83 14.72
N GLY C 274 1.18 -4.43 14.48
CA GLY C 274 1.76 -4.47 13.16
C GLY C 274 1.21 -3.40 12.22
N THR C 275 0.60 -2.35 12.76
CA THR C 275 0.06 -1.32 11.88
C THR C 275 0.70 0.03 12.13
N CYS C 276 0.75 0.84 11.08
CA CYS C 276 1.30 2.18 11.17
C CYS C 276 0.18 3.17 10.96
N VAL C 277 0.05 4.14 11.88
CA VAL C 277 -1.03 5.10 11.80
C VAL C 277 -0.48 6.47 11.36
N LYS C 278 -0.94 6.97 10.21
CA LYS C 278 -0.60 8.32 9.77
C LYS C 278 -1.27 9.38 10.63
N VAL C 279 -0.48 10.36 11.02
CA VAL C 279 -0.93 11.54 11.73
C VAL C 279 -0.36 12.70 10.95
N ASP C 280 -0.92 12.93 9.77
CA ASP C 280 -0.34 13.88 8.81
C ASP C 280 -1.33 14.89 8.25
N GLY C 281 -2.54 14.95 8.79
CA GLY C 281 -3.52 15.91 8.32
C GLY C 281 -3.83 15.80 6.84
N GLY C 282 -3.61 14.61 6.25
CA GLY C 282 -3.90 14.38 4.84
C GLY C 282 -2.80 14.76 3.88
N TYR C 283 -1.65 15.16 4.41
CA TYR C 283 -0.53 15.52 3.58
C TYR C 283 -0.11 14.41 2.58
N SER C 284 -0.14 13.16 2.99
CA SER C 284 0.28 12.09 2.10
C SER C 284 -0.72 11.87 0.95
N LEU C 285 -1.87 12.53 1.02
CA LEU C 285 -2.87 12.38 -0.02
C LEU C 285 -2.64 13.38 -1.14
N THR C 286 -1.68 14.28 -0.96
CA THR C 286 -1.38 15.30 -1.99
C THR C 286 -0.42 14.82 -3.07
N ARG C 287 -0.40 15.57 -4.17
CA ARG C 287 0.51 15.32 -5.28
C ARG C 287 1.16 16.63 -5.68
N ALA C 288 2.33 16.60 -6.30
CA ALA C 288 2.94 17.84 -6.85
C ALA C 288 2.08 18.54 -7.93
N THR D 5 25.45 0.32 -31.04
CA THR D 5 26.10 0.54 -29.70
C THR D 5 25.86 -0.66 -28.77
N VAL D 6 26.91 -1.09 -28.05
CA VAL D 6 26.77 -2.26 -27.15
C VAL D 6 26.74 -1.81 -25.69
N PRO D 7 25.54 -1.89 -25.10
CA PRO D 7 25.32 -1.45 -23.73
C PRO D 7 25.92 -2.43 -22.71
N VAL D 8 26.29 -1.89 -21.55
CA VAL D 8 26.87 -2.67 -20.49
C VAL D 8 25.92 -2.81 -19.29
N ALA D 9 25.94 -3.99 -18.69
CA ALA D 9 25.13 -4.23 -17.52
C ALA D 9 26.00 -4.83 -16.42
N LEU D 10 25.89 -4.26 -15.21
CA LEU D 10 26.51 -4.83 -14.02
C LEU D 10 25.46 -5.62 -13.19
N VAL D 11 25.72 -6.90 -12.95
CA VAL D 11 24.80 -7.72 -12.17
C VAL D 11 25.48 -8.32 -10.94
N THR D 12 25.08 -7.88 -9.74
CA THR D 12 25.70 -8.41 -8.52
C THR D 12 25.11 -9.79 -8.22
N GLY D 13 25.95 -10.67 -7.67
CA GLY D 13 25.53 -12.02 -7.35
C GLY D 13 25.08 -12.72 -8.62
N ALA D 14 25.84 -12.54 -9.69
CA ALA D 14 25.49 -13.10 -10.99
C ALA D 14 25.84 -14.58 -11.22
N ALA D 15 26.61 -15.15 -10.31
CA ALA D 15 27.12 -16.52 -10.47
C ALA D 15 26.08 -17.61 -10.70
N LYS D 16 24.93 -17.52 -10.04
CA LYS D 16 23.94 -18.58 -10.20
C LYS D 16 22.49 -18.15 -9.95
N ARG D 17 21.59 -19.14 -10.06
CA ARG D 17 20.16 -18.96 -9.82
C ARG D 17 19.61 -17.71 -10.54
N LEU D 18 18.98 -16.78 -9.83
CA LEU D 18 18.34 -15.62 -10.48
C LEU D 18 19.34 -14.68 -11.11
N GLY D 19 20.40 -14.37 -10.35
CA GLY D 19 21.49 -13.55 -10.84
C GLY D 19 22.04 -14.05 -12.18
N ARG D 20 22.30 -15.35 -12.28
CA ARG D 20 22.76 -15.93 -13.54
C ARG D 20 21.73 -15.86 -14.70
N SER D 21 20.46 -16.07 -14.39
CA SER D 21 19.38 -15.96 -15.38
C SER D 21 19.25 -14.52 -15.87
N ILE D 22 19.49 -13.57 -14.98
CA ILE D 22 19.37 -12.17 -15.32
C ILE D 22 20.49 -11.81 -16.30
N ALA D 23 21.69 -12.27 -15.98
CA ALA D 23 22.85 -12.00 -16.80
C ALA D 23 22.69 -12.61 -18.20
N GLU D 24 22.20 -13.84 -18.24
CA GLU D 24 21.95 -14.51 -19.50
C GLU D 24 20.91 -13.76 -20.34
N GLY D 25 19.81 -13.34 -19.72
CA GLY D 25 18.78 -12.59 -20.39
C GLY D 25 19.32 -11.28 -20.94
N LEU D 26 20.01 -10.51 -20.11
CA LEU D 26 20.58 -9.26 -20.60
C LEU D 26 21.54 -9.54 -21.76
N HIS D 27 22.35 -10.60 -21.62
CA HIS D 27 23.31 -10.98 -22.64
C HIS D 27 22.61 -11.36 -23.95
N ALA D 28 21.49 -12.07 -23.86
CA ALA D 28 20.71 -12.43 -25.05
C ALA D 28 20.12 -11.20 -25.76
N GLU D 29 20.05 -10.07 -25.06
CA GLU D 29 19.53 -8.86 -25.65
C GLU D 29 20.65 -8.03 -26.22
N GLY D 30 21.89 -8.50 -26.03
CA GLY D 30 23.04 -7.83 -26.61
C GLY D 30 23.91 -7.09 -25.63
N TYR D 31 23.53 -7.10 -24.36
CA TYR D 31 24.35 -6.45 -23.32
C TYR D 31 25.70 -7.12 -23.13
N ALA D 32 26.73 -6.32 -22.91
CA ALA D 32 27.97 -6.83 -22.36
C ALA D 32 27.73 -6.87 -20.86
N VAL D 33 28.16 -7.95 -20.20
CA VAL D 33 27.78 -8.16 -18.81
C VAL D 33 28.94 -8.32 -17.84
N CYS D 34 28.96 -7.45 -16.84
CA CYS D 34 29.88 -7.57 -15.72
C CYS D 34 29.28 -8.40 -14.59
N LEU D 35 29.75 -9.64 -14.45
CA LEU D 35 29.19 -10.59 -13.50
C LEU D 35 29.89 -10.44 -12.18
N HIS D 36 29.24 -9.83 -11.19
CA HIS D 36 29.81 -9.77 -9.85
C HIS D 36 29.59 -11.12 -9.12
N TYR D 37 30.49 -11.46 -8.20
CA TYR D 37 30.34 -12.67 -7.35
C TYR D 37 31.07 -12.48 -6.02
N HIS D 38 30.71 -13.29 -5.03
CA HIS D 38 31.40 -13.20 -3.75
C HIS D 38 32.24 -14.46 -3.56
N ARG D 39 31.58 -15.60 -3.48
CA ARG D 39 32.24 -16.85 -3.22
C ARG D 39 32.16 -17.79 -4.41
N SER D 40 31.22 -17.56 -5.31
CA SER D 40 31.03 -18.52 -6.39
C SER D 40 31.93 -18.26 -7.59
N ALA D 41 33.23 -18.20 -7.34
CA ALA D 41 34.20 -17.92 -8.39
C ALA D 41 34.13 -18.92 -9.55
N ALA D 42 34.11 -20.21 -9.22
CA ALA D 42 34.07 -21.23 -10.26
C ALA D 42 32.84 -21.05 -11.18
N GLU D 43 31.66 -20.89 -10.59
CA GLU D 43 30.45 -20.75 -11.41
C GLU D 43 30.48 -19.43 -12.19
N ALA D 44 30.93 -18.37 -11.53
CA ALA D 44 31.07 -17.08 -12.18
C ALA D 44 31.93 -17.18 -13.46
N ASN D 45 33.16 -17.69 -13.32
CA ASN D 45 34.05 -17.86 -14.46
C ASN D 45 33.52 -18.80 -15.54
N ALA D 46 32.81 -19.86 -15.13
CA ALA D 46 32.20 -20.78 -16.08
C ALA D 46 31.14 -20.08 -16.90
N LEU D 47 30.36 -19.22 -16.26
CA LEU D 47 29.35 -18.43 -16.95
C LEU D 47 29.98 -17.40 -17.94
N SER D 48 30.98 -16.67 -17.47
CA SER D 48 31.73 -15.76 -18.31
C SER D 48 32.25 -16.47 -19.56
N ALA D 49 32.82 -17.65 -19.38
CA ALA D 49 33.38 -18.39 -20.50
C ALA D 49 32.28 -18.71 -21.50
N THR D 50 31.12 -19.14 -21.00
CA THR D 50 29.99 -19.44 -21.87
C THR D 50 29.62 -18.18 -22.65
N LEU D 51 29.50 -17.06 -21.95
CA LEU D 51 29.03 -15.83 -22.61
C LEU D 51 30.06 -15.29 -23.61
N ASN D 52 31.33 -15.26 -23.20
CA ASN D 52 32.43 -14.85 -24.06
C ASN D 52 32.63 -15.79 -25.27
N ALA D 53 32.30 -17.07 -25.08
CA ALA D 53 32.33 -18.02 -26.19
C ALA D 53 31.26 -17.68 -27.22
N ARG D 54 30.06 -17.29 -26.77
CA ARG D 54 28.99 -16.94 -27.71
C ARG D 54 29.38 -15.67 -28.48
N ARG D 55 29.92 -14.71 -27.74
CA ARG D 55 30.16 -13.37 -28.25
C ARG D 55 31.41 -12.83 -27.57
N PRO D 56 32.51 -12.75 -28.30
CA PRO D 56 33.80 -12.29 -27.74
C PRO D 56 33.76 -11.00 -26.97
N ASN D 57 34.44 -10.96 -25.84
CA ASN D 57 34.48 -9.80 -24.95
C ASN D 57 33.09 -9.24 -24.51
N SER D 58 32.17 -10.14 -24.19
CA SER D 58 30.85 -9.72 -23.79
C SER D 58 30.61 -10.00 -22.31
N ALA D 59 31.64 -10.45 -21.60
CA ALA D 59 31.52 -10.80 -20.18
C ALA D 59 32.82 -10.63 -19.40
N ILE D 60 32.69 -10.17 -18.16
CA ILE D 60 33.83 -10.18 -17.22
C ILE D 60 33.34 -10.58 -15.83
N THR D 61 34.29 -10.84 -14.91
CA THR D 61 33.90 -11.16 -13.53
C THR D 61 34.65 -10.30 -12.53
N VAL D 62 33.96 -9.90 -11.48
CA VAL D 62 34.57 -9.12 -10.41
C VAL D 62 34.09 -9.71 -9.10
N GLN D 63 35.04 -9.90 -8.17
CA GLN D 63 34.78 -10.47 -6.84
C GLN D 63 34.63 -9.32 -5.85
N ALA D 64 33.67 -9.45 -4.93
CA ALA D 64 33.50 -8.46 -3.85
C ALA D 64 32.55 -8.92 -2.77
N ASP D 65 32.97 -8.71 -1.52
CA ASP D 65 32.09 -8.90 -0.37
C ASP D 65 31.32 -7.59 -0.18
N LEU D 66 30.00 -7.68 -0.30
CA LEU D 66 29.13 -6.49 -0.21
C LEU D 66 28.58 -6.26 1.21
N SER D 67 29.00 -7.11 2.15
CA SER D 67 28.66 -6.90 3.54
C SER D 67 29.21 -5.53 3.96
N ASN D 68 28.50 -4.86 4.86
CA ASN D 68 28.91 -3.54 5.31
C ASN D 68 30.09 -3.58 6.27
N VAL D 69 31.23 -4.11 5.80
CA VAL D 69 32.47 -4.23 6.58
C VAL D 69 33.74 -3.83 5.79
N ALA D 70 34.75 -3.42 6.55
CA ALA D 70 36.10 -3.16 6.04
C ALA D 70 36.79 -4.47 5.63
N THR D 71 37.46 -4.46 4.47
CA THR D 71 38.35 -5.56 4.09
C THR D 71 39.80 -5.07 3.98
N ALA D 72 40.74 -6.01 4.05
CA ALA D 72 42.18 -5.70 3.98
C ALA D 72 42.69 -5.38 2.57
N PRO D 73 43.60 -4.40 2.46
CA PRO D 73 44.12 -3.94 1.15
C PRO D 73 44.73 -5.06 0.28
N ALA D 81 45.65 0.76 3.83
CA ALA D 81 44.59 0.97 4.84
C ALA D 81 43.41 0.02 4.57
N PRO D 82 42.45 -0.09 5.51
CA PRO D 82 41.27 -0.93 5.22
C PRO D 82 40.38 -0.38 4.09
N VAL D 83 39.85 -1.29 3.27
CA VAL D 83 38.96 -0.88 2.19
C VAL D 83 37.52 -0.86 2.71
N THR D 84 36.85 0.29 2.55
CA THR D 84 35.44 0.43 2.96
C THR D 84 34.50 -0.14 1.89
N LEU D 85 33.28 -0.52 2.29
CA LEU D 85 32.28 -1.03 1.36
C LEU D 85 32.00 -0.04 0.22
N PHE D 86 31.97 1.25 0.54
CA PHE D 86 31.77 2.24 -0.52
C PHE D 86 32.83 2.13 -1.62
N THR D 87 34.09 2.09 -1.22
CA THR D 87 35.20 1.94 -2.14
C THR D 87 35.03 0.68 -3.00
N ARG D 88 34.77 -0.45 -2.35
CA ARG D 88 34.54 -1.69 -3.08
C ARG D 88 33.42 -1.57 -4.11
N CYS D 89 32.38 -0.82 -3.76
CA CYS D 89 31.27 -0.61 -4.68
C CYS D 89 31.65 0.28 -5.85
N ALA D 90 32.34 1.37 -5.56
CA ALA D 90 32.81 2.27 -6.62
C ALA D 90 33.69 1.51 -7.60
N GLU D 91 34.49 0.57 -7.08
CA GLU D 91 35.39 -0.20 -7.92
C GLU D 91 34.64 -1.13 -8.85
N LEU D 92 33.48 -1.63 -8.40
CA LEU D 92 32.70 -2.52 -9.25
C LEU D 92 32.18 -1.74 -10.45
N VAL D 93 31.69 -0.53 -10.19
CA VAL D 93 31.16 0.30 -11.27
C VAL D 93 32.33 0.72 -12.16
N ALA D 94 33.45 1.07 -11.55
CA ALA D 94 34.65 1.50 -12.28
C ALA D 94 35.18 0.38 -13.19
N ALA D 95 35.11 -0.86 -12.72
CA ALA D 95 35.49 -1.99 -13.58
C ALA D 95 34.70 -2.04 -14.91
N CYS D 96 33.47 -1.54 -14.92
CA CYS D 96 32.68 -1.53 -16.15
C CYS D 96 33.22 -0.43 -17.07
N TYR D 97 33.47 0.75 -16.51
CA TYR D 97 33.93 1.87 -17.31
C TYR D 97 35.35 1.65 -17.79
N THR D 98 36.16 0.93 -17.01
CA THR D 98 37.55 0.66 -17.35
C THR D 98 37.63 -0.32 -18.52
N HIS D 99 36.80 -1.35 -18.47
CA HIS D 99 36.83 -2.39 -19.49
C HIS D 99 36.06 -2.04 -20.76
N TRP D 100 34.87 -1.47 -20.61
CA TRP D 100 34.00 -1.20 -21.74
C TRP D 100 33.69 0.29 -21.92
N GLY D 101 34.15 1.12 -20.99
CA GLY D 101 33.93 2.55 -21.08
C GLY D 101 32.49 2.98 -20.80
N ARG D 102 31.72 2.13 -20.14
CA ARG D 102 30.30 2.45 -19.87
C ARG D 102 29.59 1.45 -18.95
N CYS D 103 28.51 1.93 -18.34
CA CYS D 103 27.64 1.12 -17.49
C CYS D 103 26.21 1.63 -17.62
N ASP D 104 25.41 0.91 -18.40
CA ASP D 104 24.06 1.36 -18.70
C ASP D 104 23.05 0.81 -17.72
N VAL D 105 23.25 -0.43 -17.30
CA VAL D 105 22.31 -1.10 -16.43
C VAL D 105 22.99 -1.64 -15.16
N LEU D 106 22.31 -1.40 -14.03
CA LEU D 106 22.71 -1.95 -12.74
C LEU D 106 21.58 -2.82 -12.18
N VAL D 107 21.92 -4.04 -11.79
CA VAL D 107 20.95 -4.95 -11.15
C VAL D 107 21.44 -5.40 -9.78
N ASN D 108 20.85 -4.81 -8.73
CA ASN D 108 21.21 -5.15 -7.36
C ASN D 108 20.50 -6.44 -6.97
N ASN D 109 21.17 -7.56 -7.24
CA ASN D 109 20.58 -8.88 -7.06
C ASN D 109 21.19 -9.63 -5.89
N ALA D 110 22.46 -9.41 -5.60
CA ALA D 110 23.13 -10.12 -4.52
C ALA D 110 22.36 -9.93 -3.22
N SER D 111 22.25 -11.01 -2.43
CA SER D 111 21.47 -10.99 -1.20
C SER D 111 21.76 -12.14 -0.25
N SER D 112 22.14 -11.81 0.97
CA SER D 112 22.27 -12.82 2.04
C SER D 112 20.92 -12.99 2.75
N PHE D 113 20.60 -14.22 3.12
CA PHE D 113 19.30 -14.58 3.67
C PHE D 113 19.47 -15.69 4.71
N TYR D 114 19.31 -15.33 5.98
CA TYR D 114 19.30 -16.33 7.06
C TYR D 114 18.64 -15.71 8.31
N PRO D 115 18.19 -16.57 9.25
CA PRO D 115 17.47 -16.14 10.46
C PRO D 115 18.20 -15.18 11.40
N THR D 116 17.44 -14.26 11.97
CA THR D 116 17.90 -13.41 13.03
C THR D 116 16.78 -13.30 14.04
N PRO D 117 16.52 -14.41 14.75
CA PRO D 117 15.38 -14.50 15.67
C PRO D 117 15.42 -13.41 16.76
N LEU D 118 14.25 -12.90 17.18
CA LEU D 118 14.14 -11.95 18.30
C LEU D 118 14.07 -12.69 19.66
N LEU D 119 13.56 -13.91 19.62
CA LEU D 119 13.41 -14.80 20.79
C LEU D 119 14.11 -16.15 20.58
N ARG D 120 14.80 -16.63 21.61
CA ARG D 120 15.53 -17.92 21.61
C ARG D 120 14.74 -19.18 21.18
N ARG D 133 27.05 -12.38 19.75
CA ARG D 133 27.65 -11.06 19.65
C ARG D 133 28.43 -10.88 18.35
N GLU D 134 29.51 -11.63 18.21
CA GLU D 134 30.23 -11.73 16.94
C GLU D 134 29.23 -12.05 15.80
N ALA D 135 28.32 -13.00 16.06
CA ALA D 135 27.28 -13.38 15.09
C ALA D 135 26.27 -12.26 14.81
N MET D 136 25.81 -11.59 15.88
CA MET D 136 24.90 -10.45 15.79
C MET D 136 25.47 -9.27 14.97
N GLU D 137 26.77 -9.03 15.08
CA GLU D 137 27.39 -7.90 14.39
C GLU D 137 27.69 -8.21 12.93
N THR D 138 28.19 -9.41 12.63
CA THR D 138 28.45 -9.79 11.23
C THR D 138 27.16 -10.06 10.49
N ALA D 139 26.16 -10.55 11.19
CA ALA D 139 24.84 -10.78 10.57
C ALA D 139 24.22 -9.45 10.15
N THR D 140 24.32 -8.46 11.03
CA THR D 140 23.77 -7.14 10.77
C THR D 140 24.41 -6.53 9.54
N ALA D 141 25.75 -6.57 9.49
CA ALA D 141 26.49 -5.93 8.41
C ALA D 141 26.37 -6.72 7.12
N ASP D 142 26.24 -8.04 7.24
CA ASP D 142 26.11 -8.88 6.05
C ASP D 142 24.72 -8.74 5.42
N LEU D 143 23.67 -8.92 6.23
CA LEU D 143 22.30 -8.81 5.76
C LEU D 143 21.95 -7.41 5.29
N PHE D 144 22.30 -6.41 6.08
CA PHE D 144 22.07 -5.04 5.66
C PHE D 144 22.95 -4.55 4.52
N GLY D 145 24.22 -4.98 4.50
CA GLY D 145 25.14 -4.56 3.45
C GLY D 145 24.67 -5.05 2.09
N SER D 146 24.53 -6.36 1.96
CA SER D 146 24.19 -6.98 0.70
C SER D 146 22.83 -6.53 0.15
N ASN D 147 21.84 -6.48 1.04
CA ASN D 147 20.46 -6.20 0.65
C ASN D 147 20.08 -4.71 0.53
N ALA D 148 20.91 -3.80 1.06
CA ALA D 148 20.52 -2.40 1.13
C ALA D 148 21.69 -1.39 1.02
N ILE D 149 22.68 -1.52 1.90
CA ILE D 149 23.77 -0.54 1.90
C ILE D 149 24.67 -0.61 0.65
N ALA D 150 25.10 -1.81 0.29
CA ALA D 150 25.84 -1.97 -0.96
C ALA D 150 25.06 -1.36 -2.15
N PRO D 151 23.78 -1.74 -2.34
CA PRO D 151 22.98 -1.20 -3.45
C PRO D 151 22.95 0.31 -3.39
N TYR D 152 22.95 0.87 -2.19
CA TYR D 152 22.94 2.32 -2.06
C TYR D 152 24.22 2.93 -2.69
N PHE D 153 25.37 2.44 -2.23
CA PHE D 153 26.64 2.93 -2.72
C PHE D 153 26.83 2.62 -4.20
N LEU D 154 26.39 1.45 -4.60
CA LEU D 154 26.42 1.08 -6.01
C LEU D 154 25.64 2.10 -6.86
N ILE D 155 24.41 2.40 -6.43
CA ILE D 155 23.62 3.42 -7.11
C ILE D 155 24.30 4.79 -7.14
N LYS D 156 24.84 5.20 -6.00
CA LYS D 156 25.59 6.46 -5.96
C LYS D 156 26.73 6.45 -7.01
N ALA D 157 27.57 5.41 -6.99
CA ALA D 157 28.69 5.28 -7.93
C ALA D 157 28.22 5.34 -9.38
N PHE D 158 27.20 4.55 -9.65
CA PHE D 158 26.58 4.50 -10.97
C PHE D 158 26.11 5.90 -11.39
N ALA D 159 25.42 6.58 -10.47
CA ALA D 159 24.88 7.90 -10.74
C ALA D 159 25.97 8.92 -11.04
N HIS D 160 27.00 9.00 -10.19
CA HIS D 160 28.13 9.91 -10.40
C HIS D 160 28.79 9.74 -11.78
N ARG D 161 29.08 8.49 -12.16
CA ARG D 161 29.62 8.19 -13.49
C ARG D 161 28.78 8.84 -14.59
N VAL D 162 27.47 8.59 -14.57
CA VAL D 162 26.57 9.18 -15.53
C VAL D 162 26.64 10.70 -15.50
N ALA D 163 26.56 11.29 -14.31
CA ALA D 163 26.62 12.75 -14.17
C ALA D 163 27.95 13.30 -14.66
N GLY D 164 29.01 12.52 -14.49
CA GLY D 164 30.33 12.94 -14.90
C GLY D 164 30.56 12.72 -16.39
N THR D 165 29.61 12.06 -17.05
CA THR D 165 29.66 11.90 -18.49
C THR D 165 28.99 13.12 -19.16
N PRO D 166 29.66 13.76 -20.11
CA PRO D 166 29.02 14.87 -20.87
C PRO D 166 27.74 14.40 -21.56
N ALA D 167 26.69 15.22 -21.45
CA ALA D 167 25.36 14.88 -21.97
C ALA D 167 25.39 14.25 -23.36
N LYS D 168 26.19 14.82 -24.26
CA LYS D 168 26.29 14.30 -25.64
C LYS D 168 26.70 12.84 -25.69
N HIS D 169 27.50 12.39 -24.71
CA HIS D 169 28.04 11.02 -24.69
C HIS D 169 27.30 10.01 -23.82
N ARG D 170 26.22 10.44 -23.16
CA ARG D 170 25.47 9.56 -22.26
C ARG D 170 24.66 8.51 -23.03
N GLY D 171 24.36 7.39 -22.37
CA GLY D 171 23.51 6.36 -22.95
C GLY D 171 22.10 6.89 -23.03
N THR D 172 21.23 6.14 -23.70
CA THR D 172 19.87 6.62 -23.88
C THR D 172 18.89 5.75 -23.14
N ASN D 173 19.39 4.82 -22.34
CA ASN D 173 18.51 3.90 -21.60
C ASN D 173 19.15 3.39 -20.32
N TYR D 174 19.34 4.29 -19.37
CA TYR D 174 19.91 3.93 -18.06
C TYR D 174 18.85 3.28 -17.17
N SER D 175 19.15 2.10 -16.63
CA SER D 175 18.16 1.39 -15.85
C SER D 175 18.80 0.68 -14.66
N ILE D 176 18.24 0.90 -13.46
CA ILE D 176 18.66 0.22 -12.24
C ILE D 176 17.52 -0.61 -11.67
N ILE D 177 17.76 -1.89 -11.44
CA ILE D 177 16.74 -2.79 -10.92
C ILE D 177 17.17 -3.33 -9.57
N ASN D 178 16.32 -3.13 -8.56
CA ASN D 178 16.59 -3.67 -7.25
C ASN D 178 15.75 -4.93 -7.06
N MET D 179 16.38 -6.03 -6.66
CA MET D 179 15.64 -7.24 -6.39
C MET D 179 15.07 -7.15 -4.95
N VAL D 180 13.76 -6.99 -4.86
CA VAL D 180 13.09 -6.90 -3.57
C VAL D 180 12.40 -8.22 -3.28
N ASP D 181 11.42 -8.18 -2.37
CA ASP D 181 10.71 -9.41 -1.99
C ASP D 181 9.22 -9.13 -1.97
N ALA D 182 8.46 -9.84 -2.80
CA ALA D 182 7.02 -9.65 -2.83
C ALA D 182 6.34 -10.00 -1.48
N MET D 183 6.99 -10.87 -0.69
CA MET D 183 6.40 -11.39 0.54
C MET D 183 6.79 -10.69 1.86
N THR D 184 7.70 -9.71 1.82
CA THR D 184 8.15 -9.09 3.07
C THR D 184 7.08 -8.36 3.89
N ASN D 185 5.94 -8.05 3.30
CA ASN D 185 4.85 -7.43 4.07
C ASN D 185 4.07 -8.48 4.82
N GLN D 186 4.35 -9.73 4.50
CA GLN D 186 3.84 -10.86 5.23
C GLN D 186 5.07 -11.60 5.77
N PRO D 187 5.78 -10.96 6.72
CA PRO D 187 7.09 -11.42 7.22
C PRO D 187 7.25 -12.91 7.53
N LEU D 188 8.40 -13.43 7.14
CA LEU D 188 8.74 -14.81 7.43
C LEU D 188 9.19 -14.79 8.88
N LEU D 189 8.52 -15.57 9.70
CA LEU D 189 8.88 -15.69 11.11
C LEU D 189 10.41 -15.96 11.35
N GLY D 190 11.07 -15.02 12.01
CA GLY D 190 12.46 -15.19 12.39
C GLY D 190 13.48 -14.46 11.55
N TYR D 191 13.02 -13.79 10.48
CA TYR D 191 13.93 -13.15 9.55
C TYR D 191 13.86 -11.62 9.61
N THR D 192 13.73 -11.07 10.82
CA THR D 192 13.55 -9.62 10.97
C THR D 192 14.56 -8.73 10.26
N ILE D 193 15.84 -9.03 10.38
CA ILE D 193 16.84 -8.17 9.77
C ILE D 193 16.79 -8.22 8.23
N TYR D 194 16.64 -9.43 7.67
CA TYR D 194 16.48 -9.56 6.24
C TYR D 194 15.27 -8.75 5.76
N THR D 195 14.17 -8.91 6.47
CA THR D 195 12.95 -8.23 6.13
C THR D 195 13.15 -6.72 6.19
N MET D 196 13.91 -6.28 7.19
CA MET D 196 14.17 -4.85 7.36
C MET D 196 14.98 -4.32 6.20
N ALA D 197 16.02 -5.08 5.83
CA ALA D 197 16.92 -4.68 4.73
C ALA D 197 16.13 -4.55 3.43
N LYS D 198 15.26 -5.52 3.12
CA LYS D 198 14.40 -5.41 1.96
C LYS D 198 13.49 -4.17 2.05
N GLY D 199 13.04 -3.81 3.25
CA GLY D 199 12.21 -2.64 3.41
C GLY D 199 13.03 -1.40 3.09
N ALA D 200 14.31 -1.45 3.49
CA ALA D 200 15.23 -0.35 3.18
C ALA D 200 15.42 -0.25 1.67
N LEU D 201 15.57 -1.39 1.01
CA LEU D 201 15.77 -1.42 -0.43
C LEU D 201 14.56 -0.80 -1.17
N GLU D 202 13.35 -1.07 -0.69
CA GLU D 202 12.15 -0.49 -1.30
C GLU D 202 12.22 1.03 -1.20
N GLY D 203 12.59 1.54 -0.03
CA GLY D 203 12.76 2.97 0.14
C GLY D 203 13.87 3.49 -0.77
N LEU D 204 14.94 2.71 -0.94
CA LEU D 204 16.03 3.13 -1.82
C LEU D 204 15.51 3.26 -3.24
N THR D 205 14.65 2.31 -3.65
CA THR D 205 14.06 2.33 -4.99
C THR D 205 13.33 3.64 -5.28
N ARG D 206 12.47 4.02 -4.35
CA ARG D 206 11.65 5.20 -4.52
C ARG D 206 12.47 6.47 -4.45
N SER D 207 13.31 6.58 -3.44
CA SER D 207 14.13 7.79 -3.27
C SER D 207 15.09 7.98 -4.46
N ALA D 208 15.76 6.91 -4.87
CA ALA D 208 16.62 6.94 -6.07
C ALA D 208 15.87 7.28 -7.40
N ALA D 209 14.72 6.66 -7.63
CA ALA D 209 13.93 7.04 -8.80
C ALA D 209 13.65 8.56 -8.84
N LEU D 210 13.30 9.13 -7.71
CA LEU D 210 13.00 10.54 -7.66
C LEU D 210 14.21 11.44 -7.91
N GLU D 211 15.29 11.20 -7.18
CA GLU D 211 16.49 12.01 -7.24
C GLU D 211 17.25 11.86 -8.59
N LEU D 212 17.19 10.67 -9.19
CA LEU D 212 17.89 10.39 -10.45
C LEU D 212 17.08 10.62 -11.70
N ALA D 213 15.78 10.88 -11.55
CA ALA D 213 14.91 11.18 -12.69
C ALA D 213 15.52 12.26 -13.60
N PRO D 214 16.07 13.35 -13.06
CA PRO D 214 16.73 14.37 -13.90
C PRO D 214 17.84 13.83 -14.82
N LEU D 215 18.57 12.79 -14.42
CA LEU D 215 19.58 12.18 -15.30
C LEU D 215 18.95 11.10 -16.16
N GLN D 216 17.62 11.05 -16.15
CA GLN D 216 16.88 10.04 -16.92
C GLN D 216 17.33 8.63 -16.57
N ILE D 217 17.69 8.44 -15.30
CA ILE D 217 18.04 7.11 -14.81
C ILE D 217 16.81 6.54 -14.10
N ARG D 218 16.27 5.47 -14.65
CA ARG D 218 15.10 4.83 -14.05
C ARG D 218 15.53 3.86 -12.95
N VAL D 219 14.76 3.81 -11.88
CA VAL D 219 15.03 2.89 -10.78
C VAL D 219 13.75 2.17 -10.36
N ASN D 220 13.75 0.86 -10.54
CA ASN D 220 12.58 0.06 -10.23
C ASN D 220 12.98 -1.16 -9.43
N GLY D 221 11.95 -1.88 -8.96
CA GLY D 221 12.16 -3.05 -8.14
C GLY D 221 11.41 -4.23 -8.70
N VAL D 222 12.00 -5.41 -8.53
CA VAL D 222 11.35 -6.66 -8.92
C VAL D 222 11.35 -7.56 -7.71
N GLY D 223 10.15 -7.97 -7.29
CA GLY D 223 9.99 -8.79 -6.09
C GLY D 223 9.45 -10.19 -6.35
N PRO D 224 10.32 -11.18 -6.29
CA PRO D 224 9.89 -12.58 -6.43
C PRO D 224 9.11 -13.01 -5.21
N GLY D 225 8.35 -14.08 -5.34
CA GLY D 225 7.68 -14.69 -4.21
C GLY D 225 8.48 -15.91 -3.81
N LEU D 226 8.24 -17.01 -4.52
CA LEU D 226 9.00 -18.23 -4.38
C LEU D 226 9.56 -18.57 -5.76
N SER D 227 10.89 -18.51 -5.86
CA SER D 227 11.60 -18.86 -7.09
C SER D 227 12.73 -19.86 -6.84
N VAL D 228 12.79 -20.86 -7.71
CA VAL D 228 13.84 -21.88 -7.71
C VAL D 228 14.16 -22.42 -6.33
N LEU D 229 13.15 -23.00 -5.68
CA LEU D 229 13.32 -23.63 -4.35
C LEU D 229 14.27 -24.84 -4.40
N VAL D 230 15.13 -24.94 -3.38
CA VAL D 230 16.16 -25.97 -3.32
C VAL D 230 15.71 -27.12 -2.40
N GLY D 240 6.27 -28.52 0.75
CA GLY D 240 4.87 -28.34 0.40
C GLY D 240 4.43 -26.88 0.46
N HIS D 241 5.39 -25.97 0.23
CA HIS D 241 5.11 -24.52 0.20
C HIS D 241 4.73 -24.10 -1.21
N ARG D 242 5.28 -24.81 -2.20
CA ARG D 242 4.89 -24.70 -3.60
C ARG D 242 3.37 -24.66 -3.78
N SER D 243 2.68 -25.61 -3.15
CA SER D 243 1.23 -25.79 -3.27
C SER D 243 0.41 -24.58 -2.76
N LYS D 244 1.08 -23.69 -2.03
CA LYS D 244 0.44 -22.48 -1.52
C LYS D 244 0.30 -21.41 -2.59
N VAL D 245 1.22 -21.39 -3.56
CA VAL D 245 1.15 -20.41 -4.63
C VAL D 245 -0.14 -20.67 -5.37
N PRO D 246 -0.99 -19.65 -5.51
CA PRO D 246 -2.26 -19.79 -6.22
C PRO D 246 -2.04 -20.09 -7.67
N LEU D 247 -1.06 -19.45 -8.28
CA LEU D 247 -0.83 -19.67 -9.69
C LEU D 247 0.11 -20.86 -9.88
N TYR D 248 -0.42 -21.91 -10.52
CA TYR D 248 0.34 -23.11 -10.87
C TYR D 248 0.72 -23.97 -9.64
N GLN D 249 0.43 -23.47 -8.43
CA GLN D 249 0.80 -24.20 -7.21
C GLN D 249 2.26 -24.66 -7.27
N ARG D 250 3.15 -23.75 -7.67
CA ARG D 250 4.59 -24.05 -7.64
C ARG D 250 5.38 -22.78 -7.54
N ASP D 251 6.63 -22.91 -7.12
CA ASP D 251 7.58 -21.80 -7.17
C ASP D 251 7.86 -21.50 -8.64
N SER D 252 8.43 -20.32 -8.91
CA SER D 252 8.73 -19.97 -10.28
C SER D 252 10.12 -20.41 -10.72
N SER D 253 10.33 -20.45 -12.04
CA SER D 253 11.65 -20.70 -12.61
C SER D 253 12.40 -19.37 -12.56
N ALA D 254 13.72 -19.42 -12.77
CA ALA D 254 14.53 -18.20 -12.76
C ALA D 254 14.11 -17.29 -13.93
N ALA D 255 13.84 -17.92 -15.08
CA ALA D 255 13.47 -17.17 -16.29
C ALA D 255 12.18 -16.38 -16.09
N GLU D 256 11.23 -16.99 -15.39
CA GLU D 256 9.96 -16.33 -15.10
C GLU D 256 10.15 -15.04 -14.31
N VAL D 257 11.30 -14.89 -13.66
CA VAL D 257 11.60 -13.67 -12.94
C VAL D 257 12.51 -12.79 -13.78
N SER D 258 13.55 -13.38 -14.37
CA SER D 258 14.53 -12.59 -15.14
C SER D 258 13.91 -11.89 -16.37
N ASP D 259 12.96 -12.56 -17.02
CA ASP D 259 12.27 -11.88 -18.11
C ASP D 259 11.63 -10.56 -17.70
N VAL D 260 11.18 -10.49 -16.45
CA VAL D 260 10.54 -9.28 -15.97
C VAL D 260 11.61 -8.22 -15.82
N VAL D 261 12.72 -8.65 -15.23
CA VAL D 261 13.87 -7.77 -15.05
C VAL D 261 14.34 -7.17 -16.38
N ILE D 262 14.51 -8.04 -17.36
CA ILE D 262 14.94 -7.65 -18.71
C ILE D 262 13.94 -6.69 -19.32
N PHE D 263 12.65 -7.02 -19.22
CA PHE D 263 11.64 -6.08 -19.73
C PHE D 263 11.75 -4.69 -19.11
N LEU D 264 11.93 -4.60 -17.80
CA LEU D 264 12.06 -3.29 -17.17
C LEU D 264 13.29 -2.54 -17.65
N CYS D 265 14.28 -3.28 -18.15
CA CYS D 265 15.48 -2.64 -18.66
C CYS D 265 15.35 -2.17 -20.11
N SER D 266 14.31 -2.65 -20.80
CA SER D 266 14.10 -2.33 -22.20
C SER D 266 13.57 -0.91 -22.38
N SER D 267 13.84 -0.34 -23.55
CA SER D 267 13.38 1.02 -23.87
C SER D 267 11.85 1.10 -23.92
N LYS D 268 11.18 -0.04 -24.07
CA LYS D 268 9.74 -0.04 -24.02
C LYS D 268 9.18 0.31 -22.65
N ALA D 269 10.03 0.16 -21.61
CA ALA D 269 9.67 0.48 -20.22
C ALA D 269 10.19 1.83 -19.73
N LYS D 270 10.49 2.73 -20.66
CA LYS D 270 11.19 3.96 -20.27
C LYS D 270 10.35 4.99 -19.47
N TYR D 271 9.03 4.75 -19.37
CA TYR D 271 8.20 5.63 -18.56
C TYR D 271 7.99 5.12 -17.13
N ILE D 272 8.39 3.86 -16.90
CA ILE D 272 8.28 3.23 -15.59
C ILE D 272 9.48 3.56 -14.70
N THR D 273 9.21 4.09 -13.51
CA THR D 273 10.26 4.36 -12.53
C THR D 273 9.70 4.49 -11.11
N GLY D 274 10.47 4.05 -10.12
CA GLY D 274 10.05 4.11 -8.72
C GLY D 274 9.03 3.05 -8.36
N THR D 275 8.87 2.04 -9.22
CA THR D 275 7.87 1.01 -8.92
C THR D 275 8.46 -0.36 -8.71
N CYS D 276 7.77 -1.14 -7.88
CA CYS D 276 8.12 -2.52 -7.61
C CYS D 276 7.08 -3.43 -8.20
N VAL D 277 7.53 -4.39 -9.01
CA VAL D 277 6.67 -5.36 -9.66
C VAL D 277 6.78 -6.71 -8.95
N LYS D 278 5.67 -7.17 -8.39
CA LYS D 278 5.59 -8.52 -7.83
C LYS D 278 5.55 -9.59 -8.91
N VAL D 279 6.37 -10.62 -8.73
CA VAL D 279 6.44 -11.79 -9.63
C VAL D 279 6.26 -13.02 -8.76
N ASP D 280 5.05 -13.20 -8.23
CA ASP D 280 4.85 -14.14 -7.14
C ASP D 280 3.71 -15.09 -7.34
N GLY D 281 3.16 -15.13 -8.54
CA GLY D 281 2.04 -16.03 -8.80
C GLY D 281 0.86 -15.84 -7.84
N GLY D 282 0.75 -14.63 -7.28
CA GLY D 282 -0.36 -14.27 -6.41
C GLY D 282 -0.19 -14.71 -4.97
N TYR D 283 1.01 -15.18 -4.64
CA TYR D 283 1.27 -15.64 -3.28
C TYR D 283 1.00 -14.57 -2.20
N SER D 284 1.32 -13.32 -2.52
CA SER D 284 1.06 -12.22 -1.59
C SER D 284 -0.43 -11.96 -1.37
N LEU D 285 -1.29 -12.53 -2.21
CA LEU D 285 -2.71 -12.35 -2.03
C LEU D 285 -3.28 -13.32 -1.00
N THR D 286 -2.47 -14.30 -0.57
CA THR D 286 -2.99 -15.32 0.35
C THR D 286 -2.99 -14.85 1.81
N ARG D 287 -3.67 -15.62 2.66
CA ARG D 287 -3.71 -15.39 4.09
C ARG D 287 -3.60 -16.73 4.81
N ALA D 288 -3.14 -16.70 6.08
CA ALA D 288 -3.06 -17.94 6.86
C ALA D 288 -4.42 -18.61 7.10
#